data_1KN9
#
_entry.id   1KN9
#
_cell.length_a   112.441
_cell.length_b   112.441
_cell.length_c   198.675
_cell.angle_alpha   90.00
_cell.angle_beta   90.00
_cell.angle_gamma   90.00
#
_symmetry.space_group_name_H-M   'P 41 21 2'
#
loop_
_entity.id
_entity.type
_entity.pdbx_description
1 polymer 'Signal peptidase I'
2 water water
#
_entity_poly.entity_id   1
_entity_poly.type   'polypeptide(L)'
_entity_poly.pdbx_seq_one_letter_code
;MVRSFIYEPFQIPSGSMMPTLLIGDFILVEKFAYGIKDPIYQKTLIETGHPKRGDIVVFKYPEDPKLDYIKRAVGLPGDK
VTYDPVSKELTIQPGCSSGQACENALPVTYSNVEPSDFVQTFSRRNGGEATSGFFEVPKNETKENGIRLSERKETLGDVT
HRILTVPIAQDQVGMYYQQPGQQLATWIVPPGQYFMMGDNRDNSADSRYWGFVPEANLVGRATAIWMSFDKQEGEWPTGL
RLSRIGGIH
;
_entity_poly.pdbx_strand_id   A,B,C,D
#
# COMPACT_ATOMS: atom_id res chain seq x y z
N VAL A 2 12.37 -45.37 16.05
CA VAL A 2 11.00 -45.93 16.30
C VAL A 2 9.93 -44.85 16.37
N ARG A 3 9.89 -43.99 15.37
CA ARG A 3 8.90 -42.93 15.33
C ARG A 3 8.19 -42.87 13.99
N SER A 4 6.91 -42.54 14.01
CA SER A 4 6.14 -42.46 12.78
C SER A 4 5.25 -41.24 12.72
N PHE A 5 5.10 -40.67 11.52
CA PHE A 5 4.28 -39.49 11.34
C PHE A 5 3.13 -39.77 10.39
N ILE A 6 1.98 -39.16 10.70
CA ILE A 6 0.79 -39.33 9.88
C ILE A 6 0.64 -38.12 8.95
N TYR A 7 0.41 -38.38 7.67
CA TYR A 7 0.24 -37.33 6.67
C TYR A 7 -1.13 -37.37 6.02
N GLU A 8 -1.72 -36.20 5.77
CA GLU A 8 -3.01 -36.15 5.11
C GLU A 8 -3.12 -34.99 4.13
N PRO A 9 -3.64 -35.26 2.93
CA PRO A 9 -3.80 -34.24 1.89
C PRO A 9 -4.80 -33.19 2.34
N PHE A 10 -4.69 -31.99 1.79
CA PHE A 10 -5.59 -30.93 2.15
C PHE A 10 -5.79 -29.97 0.98
N GLN A 11 -7.04 -29.75 0.63
CA GLN A 11 -7.41 -28.86 -0.46
C GLN A 11 -7.46 -27.42 0.05
N ILE A 12 -6.89 -26.50 -0.72
CA ILE A 12 -6.92 -25.09 -0.35
C ILE A 12 -8.16 -24.46 -0.95
N PRO A 13 -9.14 -24.14 -0.10
CA PRO A 13 -10.40 -23.54 -0.53
C PRO A 13 -10.44 -22.02 -0.71
N SER A 14 -9.72 -21.27 0.12
CA SER A 14 -9.76 -19.82 0.01
C SER A 14 -8.44 -19.16 -0.36
N GLY A 15 -8.51 -17.85 -0.60
CA GLY A 15 -7.32 -17.10 -0.95
C GLY A 15 -6.72 -16.37 0.24
N SER A 16 -7.12 -16.76 1.45
CA SER A 16 -6.60 -16.10 2.65
C SER A 16 -5.10 -16.30 2.86
N MET A 17 -4.50 -17.27 2.16
CA MET A 17 -3.06 -17.50 2.31
C MET A 17 -2.21 -17.09 1.11
N MET A 18 -2.80 -16.33 0.20
CA MET A 18 -2.07 -15.85 -0.96
C MET A 18 -0.97 -14.91 -0.45
N PRO A 19 0.16 -14.83 -1.18
CA PRO A 19 0.46 -15.53 -2.42
C PRO A 19 1.12 -16.87 -2.17
N THR A 20 1.32 -17.19 -0.90
CA THR A 20 1.97 -18.43 -0.48
C THR A 20 1.19 -19.68 -0.92
N LEU A 21 -0.10 -19.67 -0.66
CA LEU A 21 -0.96 -20.79 -1.03
C LEU A 21 -2.09 -20.20 -1.85
N LEU A 22 -2.47 -20.88 -2.93
CA LEU A 22 -3.55 -20.38 -3.78
C LEU A 22 -4.75 -21.32 -3.84
N ILE A 23 -5.90 -20.77 -4.21
CA ILE A 23 -7.11 -21.54 -4.35
C ILE A 23 -6.77 -22.58 -5.43
N GLY A 24 -7.04 -23.84 -5.14
CA GLY A 24 -6.71 -24.87 -6.11
C GLY A 24 -5.51 -25.70 -5.68
N ASP A 25 -4.72 -25.18 -4.74
CA ASP A 25 -3.57 -25.92 -4.23
C ASP A 25 -4.00 -27.10 -3.35
N PHE A 26 -3.29 -28.21 -3.49
CA PHE A 26 -3.52 -29.42 -2.70
C PHE A 26 -2.21 -29.64 -1.93
N ILE A 27 -2.27 -29.53 -0.61
CA ILE A 27 -1.07 -29.67 0.17
C ILE A 27 -0.99 -30.90 1.03
N LEU A 28 0.22 -31.16 1.51
CA LEU A 28 0.50 -32.27 2.40
C LEU A 28 0.53 -31.67 3.78
N VAL A 29 -0.09 -32.32 4.75
CA VAL A 29 -0.07 -31.83 6.11
C VAL A 29 0.48 -32.92 7.03
N GLU A 30 1.43 -32.55 7.88
CA GLU A 30 2.00 -33.49 8.83
C GLU A 30 1.34 -33.25 10.17
N LYS A 31 0.71 -34.28 10.70
CA LYS A 31 0.03 -34.18 12.00
C LYS A 31 1.06 -33.95 13.08
N PHE A 32 0.67 -33.17 14.09
CA PHE A 32 1.56 -32.90 15.20
C PHE A 32 1.66 -34.16 16.07
N ALA A 33 0.56 -34.89 16.20
CA ALA A 33 0.52 -36.12 16.99
C ALA A 33 1.16 -37.28 16.22
N TYR A 34 2.31 -37.76 16.72
CA TYR A 34 3.03 -38.85 16.07
C TYR A 34 3.27 -40.04 17.00
N GLY A 35 3.51 -41.21 16.42
CA GLY A 35 3.74 -42.40 17.22
C GLY A 35 5.19 -42.63 17.60
N ILE A 36 5.40 -43.11 18.81
CA ILE A 36 6.74 -43.40 19.31
C ILE A 36 6.81 -44.85 19.78
N LYS A 37 7.25 -45.74 18.88
CA LYS A 37 7.37 -47.14 19.23
C LYS A 37 8.68 -47.33 19.96
N ASP A 38 8.61 -47.49 21.28
CA ASP A 38 9.80 -47.68 22.09
C ASP A 38 10.69 -48.82 21.62
N PRO A 39 11.76 -49.16 22.37
CA PRO A 39 12.67 -50.25 22.00
C PRO A 39 12.34 -51.59 22.67
N ILE A 40 12.63 -51.68 23.97
CA ILE A 40 12.37 -52.89 24.73
C ILE A 40 10.98 -53.42 24.42
N TYR A 41 9.99 -52.56 24.56
CA TYR A 41 8.62 -52.94 24.27
C TYR A 41 8.28 -52.45 22.88
N GLN A 42 7.25 -53.02 22.27
CA GLN A 42 6.85 -52.59 20.94
C GLN A 42 5.67 -51.66 20.96
N LYS A 43 5.43 -51.04 22.12
CA LYS A 43 4.32 -50.12 22.24
C LYS A 43 4.39 -48.95 21.30
N THR A 44 3.33 -48.15 21.27
CA THR A 44 3.29 -46.98 20.42
C THR A 44 2.90 -45.76 21.23
N LEU A 45 3.90 -45.12 21.84
CA LEU A 45 3.63 -43.94 22.64
C LEU A 45 3.09 -42.81 21.78
N ILE A 46 2.13 -42.05 22.31
CA ILE A 46 1.54 -40.95 21.56
C ILE A 46 2.10 -39.60 22.01
N GLU A 47 3.03 -39.06 21.23
CA GLU A 47 3.66 -37.78 21.51
C GLU A 47 3.13 -36.71 20.54
N THR A 48 2.97 -35.49 21.03
CA THR A 48 2.47 -34.40 20.19
C THR A 48 3.50 -33.29 19.98
N GLY A 49 3.69 -32.92 18.72
CA GLY A 49 4.63 -31.85 18.41
C GLY A 49 3.92 -30.52 18.51
N HIS A 50 4.68 -29.43 18.40
CA HIS A 50 4.08 -28.10 18.47
C HIS A 50 4.55 -27.17 17.36
N PRO A 51 3.64 -26.32 16.86
CA PRO A 51 3.98 -25.38 15.80
C PRO A 51 5.02 -24.35 16.23
N LYS A 52 5.94 -24.05 15.32
CA LYS A 52 6.97 -23.06 15.57
C LYS A 52 6.39 -21.76 15.04
N ARG A 53 6.96 -20.62 15.41
CA ARG A 53 6.43 -19.36 14.93
C ARG A 53 6.64 -19.32 13.43
N GLY A 54 5.60 -18.93 12.71
CA GLY A 54 5.68 -18.85 11.27
C GLY A 54 5.19 -20.07 10.54
N ASP A 55 4.93 -21.16 11.26
CA ASP A 55 4.43 -22.37 10.60
C ASP A 55 3.06 -22.17 9.99
N ILE A 56 2.83 -22.80 8.84
CA ILE A 56 1.52 -22.76 8.21
C ILE A 56 0.76 -23.93 8.81
N VAL A 57 -0.33 -23.64 9.49
CA VAL A 57 -1.09 -24.65 10.21
C VAL A 57 -2.55 -24.90 9.87
N VAL A 58 -2.91 -26.18 9.78
CA VAL A 58 -4.29 -26.54 9.54
C VAL A 58 -4.88 -26.78 10.92
N PHE A 59 -6.06 -26.22 11.18
CA PHE A 59 -6.67 -26.35 12.48
C PHE A 59 -8.19 -26.34 12.40
N LYS A 60 -8.83 -26.72 13.49
CA LYS A 60 -10.28 -26.71 13.53
C LYS A 60 -10.76 -25.38 14.07
N TYR A 61 -11.62 -24.74 13.29
CA TYR A 61 -12.20 -23.46 13.64
C TYR A 61 -12.84 -23.59 15.03
N PRO A 62 -12.29 -22.90 16.04
CA PRO A 62 -12.81 -22.95 17.41
C PRO A 62 -14.33 -22.75 17.55
N GLU A 63 -14.87 -21.72 16.89
CA GLU A 63 -16.30 -21.45 16.97
C GLU A 63 -17.11 -22.59 16.32
N ASP A 64 -16.57 -23.19 15.28
CA ASP A 64 -17.22 -24.28 14.57
C ASP A 64 -16.15 -25.27 14.11
N PRO A 65 -15.75 -26.19 14.98
CA PRO A 65 -14.72 -27.20 14.67
C PRO A 65 -15.05 -28.18 13.55
N LYS A 66 -16.25 -28.07 12.99
CA LYS A 66 -16.66 -28.93 11.89
C LYS A 66 -15.93 -28.53 10.60
N LEU A 67 -15.31 -27.35 10.59
CA LEU A 67 -14.59 -26.86 9.42
C LEU A 67 -13.10 -26.67 9.71
N ASP A 68 -12.25 -27.02 8.75
CA ASP A 68 -10.81 -26.86 8.90
C ASP A 68 -10.30 -25.62 8.18
N TYR A 69 -9.50 -24.83 8.88
CA TYR A 69 -8.93 -23.63 8.30
C TYR A 69 -7.42 -23.80 8.22
N ILE A 70 -6.78 -22.93 7.45
CA ILE A 70 -5.34 -22.93 7.31
C ILE A 70 -4.86 -21.48 7.40
N LYS A 71 -3.95 -21.23 8.34
CA LYS A 71 -3.39 -19.91 8.58
C LYS A 71 -1.93 -20.10 8.95
N ARG A 72 -1.27 -18.98 9.24
CA ARG A 72 0.13 -19.03 9.65
C ARG A 72 0.14 -18.76 11.15
N ALA A 73 0.85 -19.58 11.91
CA ALA A 73 0.93 -19.40 13.35
C ALA A 73 1.92 -18.27 13.58
N VAL A 74 1.38 -17.10 13.86
CA VAL A 74 2.18 -15.90 14.07
C VAL A 74 2.45 -15.63 15.55
N GLY A 75 1.51 -16.04 16.40
CA GLY A 75 1.65 -15.83 17.83
C GLY A 75 1.63 -17.13 18.61
N LEU A 76 2.62 -17.29 19.48
CA LEU A 76 2.77 -18.49 20.32
C LEU A 76 2.35 -18.16 21.76
N PRO A 77 2.07 -19.19 22.56
CA PRO A 77 1.66 -18.95 23.96
C PRO A 77 2.61 -17.94 24.63
N GLY A 78 2.03 -16.97 25.34
CA GLY A 78 2.84 -15.98 26.00
C GLY A 78 3.16 -14.76 25.15
N ASP A 79 3.13 -14.89 23.82
CA ASP A 79 3.43 -13.77 22.93
C ASP A 79 2.47 -12.60 23.11
N LYS A 80 3.02 -11.39 23.12
CA LYS A 80 2.18 -10.21 23.15
C LYS A 80 2.16 -9.82 21.68
N VAL A 81 0.98 -9.88 21.08
CA VAL A 81 0.83 -9.57 19.67
C VAL A 81 0.09 -8.26 19.43
N THR A 82 0.73 -7.38 18.67
CA THR A 82 0.10 -6.12 18.36
C THR A 82 0.10 -5.90 16.85
N TYR A 83 -1.05 -5.50 16.33
CA TYR A 83 -1.17 -5.25 14.91
C TYR A 83 -1.52 -3.80 14.64
N ASP A 84 -0.72 -3.16 13.81
CA ASP A 84 -0.96 -1.77 13.43
C ASP A 84 -1.72 -1.87 12.12
N PRO A 85 -3.01 -1.50 12.12
CA PRO A 85 -3.86 -1.55 10.93
C PRO A 85 -3.51 -0.51 9.85
N VAL A 86 -2.80 0.54 10.23
CA VAL A 86 -2.39 1.58 9.30
C VAL A 86 -1.17 1.11 8.49
N SER A 87 -0.12 0.72 9.21
CA SER A 87 1.10 0.23 8.55
C SER A 87 0.94 -1.24 8.14
N LYS A 88 -0.04 -1.93 8.73
CA LYS A 88 -0.30 -3.34 8.46
C LYS A 88 0.94 -4.14 8.77
N GLU A 89 1.48 -3.87 9.96
CA GLU A 89 2.67 -4.54 10.43
C GLU A 89 2.43 -5.12 11.81
N LEU A 90 3.16 -6.18 12.11
CA LEU A 90 3.06 -6.87 13.39
C LEU A 90 4.22 -6.58 14.32
N THR A 91 3.91 -6.61 15.61
CA THR A 91 4.90 -6.44 16.66
C THR A 91 4.65 -7.63 17.59
N ILE A 92 5.69 -8.40 17.85
CA ILE A 92 5.58 -9.59 18.68
C ILE A 92 6.57 -9.61 19.85
N GLN A 93 6.04 -9.63 21.07
CA GLN A 93 6.88 -9.65 22.27
C GLN A 93 6.70 -10.97 23.04
N PRO A 94 7.66 -11.89 22.91
CA PRO A 94 7.58 -13.19 23.60
C PRO A 94 7.57 -13.08 25.14
N GLY A 95 6.96 -14.08 25.78
CA GLY A 95 6.90 -14.13 27.24
C GLY A 95 6.33 -12.92 27.95
N CYS A 96 5.16 -12.45 27.53
CA CYS A 96 4.55 -11.30 28.18
C CYS A 96 3.15 -11.67 28.66
N SER A 97 3.00 -12.92 29.11
CA SER A 97 1.72 -13.42 29.58
C SER A 97 1.02 -12.56 30.63
N SER A 98 1.76 -11.65 31.27
CA SER A 98 1.18 -10.78 32.28
C SER A 98 1.24 -9.32 31.84
N ASN A 104 11.07 -9.47 25.53
CA ASN A 104 11.98 -8.78 24.64
C ASN A 104 11.53 -8.79 23.19
N ALA A 105 11.30 -7.60 22.63
CA ALA A 105 10.84 -7.44 21.25
C ALA A 105 11.52 -8.39 20.26
N LEU A 106 10.71 -9.06 19.46
CA LEU A 106 11.20 -9.98 18.45
C LEU A 106 11.45 -9.20 17.17
N PRO A 107 12.58 -9.46 16.51
CA PRO A 107 12.89 -8.75 15.25
C PRO A 107 11.95 -9.15 14.11
N VAL A 108 11.02 -8.24 13.77
CA VAL A 108 10.08 -8.47 12.69
C VAL A 108 10.35 -7.39 11.65
N THR A 109 10.86 -7.78 10.49
CA THR A 109 11.18 -6.82 9.45
C THR A 109 10.36 -7.00 8.17
N TYR A 110 10.15 -5.90 7.46
CA TYR A 110 9.38 -5.92 6.23
C TYR A 110 10.17 -5.35 5.05
N SER A 111 10.10 -6.01 3.89
CA SER A 111 10.80 -5.52 2.70
C SER A 111 9.93 -4.41 2.10
N ASN A 112 10.41 -3.79 1.03
CA ASN A 112 9.65 -2.72 0.39
C ASN A 112 8.40 -3.19 -0.36
N VAL A 113 7.34 -2.40 -0.25
CA VAL A 113 6.09 -2.73 -0.90
C VAL A 113 6.28 -2.72 -2.41
N GLU A 114 5.87 -3.81 -3.04
CA GLU A 114 5.99 -3.97 -4.48
C GLU A 114 4.66 -4.48 -5.05
N PRO A 115 4.37 -4.20 -6.33
CA PRO A 115 3.11 -4.69 -6.91
C PRO A 115 3.17 -6.21 -7.02
N SER A 116 2.07 -6.87 -6.69
CA SER A 116 2.02 -8.33 -6.77
C SER A 116 1.51 -8.80 -8.13
N ASP A 117 1.46 -10.12 -8.33
CA ASP A 117 0.98 -10.69 -9.58
C ASP A 117 -0.54 -10.81 -9.61
N PHE A 118 -1.20 -10.44 -8.53
CA PHE A 118 -2.63 -10.57 -8.48
C PHE A 118 -3.46 -9.30 -8.38
N VAL A 119 -4.68 -9.41 -8.90
CA VAL A 119 -5.64 -8.32 -8.87
C VAL A 119 -6.92 -8.90 -8.30
N GLN A 120 -7.50 -8.18 -7.34
CA GLN A 120 -8.74 -8.60 -6.70
C GLN A 120 -9.84 -7.79 -7.34
N THR A 121 -10.88 -8.47 -7.80
CA THR A 121 -12.00 -7.78 -8.40
C THR A 121 -13.17 -7.78 -7.45
N PHE A 122 -14.15 -6.96 -7.76
CA PHE A 122 -15.33 -6.86 -6.92
C PHE A 122 -16.57 -6.54 -7.75
N SER A 123 -17.65 -7.28 -7.50
CA SER A 123 -18.90 -7.06 -8.20
C SER A 123 -19.40 -5.67 -7.79
N ARG A 124 -20.36 -5.11 -8.52
CA ARG A 124 -20.84 -3.78 -8.18
C ARG A 124 -22.35 -3.60 -8.16
N ARG A 125 -23.05 -4.59 -7.60
CA ARG A 125 -24.49 -4.53 -7.50
C ARG A 125 -24.89 -3.27 -6.71
N ASN A 126 -25.81 -2.49 -7.27
CA ASN A 126 -26.29 -1.27 -6.64
C ASN A 126 -25.24 -0.16 -6.53
N GLY A 127 -24.10 -0.38 -7.16
CA GLY A 127 -23.04 0.60 -7.11
C GLY A 127 -22.09 0.32 -5.96
N GLY A 128 -22.43 -0.69 -5.16
CA GLY A 128 -21.59 -1.03 -4.03
C GLY A 128 -20.46 -1.94 -4.48
N GLU A 129 -19.77 -2.55 -3.52
CA GLU A 129 -18.68 -3.46 -3.84
C GLU A 129 -18.73 -4.72 -3.00
N ALA A 130 -18.40 -5.85 -3.63
CA ALA A 130 -18.36 -7.15 -2.96
C ALA A 130 -17.28 -7.91 -3.72
N THR A 131 -16.36 -8.51 -2.98
CA THR A 131 -15.27 -9.25 -3.60
C THR A 131 -15.81 -10.29 -4.56
N SER A 132 -15.21 -10.36 -5.75
CA SER A 132 -15.63 -11.31 -6.76
C SER A 132 -14.49 -12.21 -7.26
N GLY A 133 -13.39 -12.26 -6.52
CA GLY A 133 -12.30 -13.13 -6.94
C GLY A 133 -10.92 -12.51 -7.08
N PHE A 134 -9.94 -13.39 -7.29
CA PHE A 134 -8.55 -12.99 -7.45
C PHE A 134 -8.12 -13.52 -8.80
N PHE A 135 -7.28 -12.76 -9.50
CA PHE A 135 -6.81 -13.19 -10.81
C PHE A 135 -5.36 -12.84 -10.99
N GLU A 136 -4.61 -13.74 -11.64
CA GLU A 136 -3.22 -13.45 -11.88
C GLU A 136 -3.24 -12.60 -13.15
N VAL A 137 -2.68 -11.40 -13.05
CA VAL A 137 -2.66 -10.47 -14.17
C VAL A 137 -1.28 -9.90 -14.40
N PRO A 138 -0.81 -9.90 -15.67
CA PRO A 138 0.52 -9.36 -15.95
C PRO A 138 0.61 -7.97 -15.33
N LYS A 139 1.74 -7.68 -14.71
CA LYS A 139 1.91 -6.39 -14.04
C LYS A 139 1.70 -5.16 -14.91
N ASN A 140 1.67 -5.33 -16.23
CA ASN A 140 1.46 -4.17 -17.10
C ASN A 140 -0.01 -4.13 -17.57
N GLU A 141 -0.87 -4.90 -16.93
CA GLU A 141 -2.27 -4.92 -17.30
C GLU A 141 -3.17 -4.63 -16.13
N THR A 142 -4.44 -4.40 -16.41
CA THR A 142 -5.41 -4.10 -15.37
C THR A 142 -6.72 -4.80 -15.70
N LYS A 143 -7.65 -4.71 -14.75
CA LYS A 143 -8.98 -5.28 -14.87
C LYS A 143 -9.89 -4.18 -14.37
N GLU A 144 -11.04 -4.02 -15.00
CA GLU A 144 -11.97 -2.99 -14.56
C GLU A 144 -12.54 -3.50 -13.22
N ASN A 145 -12.87 -2.57 -12.33
CA ASN A 145 -13.40 -2.92 -11.00
C ASN A 145 -12.54 -3.90 -10.25
N GLY A 146 -11.24 -3.65 -10.30
CA GLY A 146 -10.28 -4.50 -9.62
C GLY A 146 -9.18 -3.64 -9.05
N ILE A 147 -8.49 -4.17 -8.04
CA ILE A 147 -7.40 -3.43 -7.44
C ILE A 147 -6.15 -4.30 -7.44
N ARG A 148 -5.05 -3.76 -7.93
CA ARG A 148 -3.78 -4.49 -7.95
C ARG A 148 -3.35 -4.62 -6.50
N LEU A 149 -3.04 -5.84 -6.07
CA LEU A 149 -2.63 -6.06 -4.69
C LEU A 149 -1.13 -5.88 -4.54
N SER A 150 -0.73 -5.34 -3.39
CA SER A 150 0.69 -5.12 -3.11
C SER A 150 1.29 -6.35 -2.42
N GLU A 151 2.60 -6.49 -2.56
CA GLU A 151 3.33 -7.61 -1.99
C GLU A 151 4.59 -7.13 -1.28
N ARG A 152 4.98 -7.85 -0.24
CA ARG A 152 6.18 -7.54 0.51
C ARG A 152 6.52 -8.77 1.33
N LYS A 153 7.73 -8.79 1.90
CA LYS A 153 8.14 -9.93 2.70
C LYS A 153 8.13 -9.58 4.17
N GLU A 154 7.63 -10.53 4.96
CA GLU A 154 7.55 -10.39 6.41
C GLU A 154 8.49 -11.41 7.03
N THR A 155 9.43 -10.92 7.85
CA THR A 155 10.35 -11.80 8.54
C THR A 155 9.96 -11.83 10.01
N LEU A 156 9.38 -12.95 10.42
CA LEU A 156 8.95 -13.17 11.80
C LEU A 156 10.10 -13.87 12.49
N GLY A 157 11.03 -13.09 13.02
CA GLY A 157 12.20 -13.68 13.67
C GLY A 157 13.15 -14.33 12.69
N ASP A 158 13.01 -15.64 12.51
CA ASP A 158 13.89 -16.41 11.62
C ASP A 158 13.17 -16.88 10.34
N VAL A 159 11.86 -16.70 10.30
CA VAL A 159 11.09 -17.11 9.14
C VAL A 159 10.65 -15.95 8.25
N THR A 160 10.98 -16.03 6.97
CA THR A 160 10.59 -14.99 6.04
C THR A 160 9.58 -15.57 5.04
N HIS A 161 8.50 -14.84 4.80
CA HIS A 161 7.46 -15.28 3.87
C HIS A 161 6.82 -14.03 3.28
N ARG A 162 5.97 -14.23 2.28
CA ARG A 162 5.30 -13.10 1.64
C ARG A 162 3.89 -12.88 2.17
N ILE A 163 3.40 -11.66 2.01
CA ILE A 163 2.04 -11.29 2.40
C ILE A 163 1.53 -10.40 1.27
N LEU A 164 0.21 -10.38 1.11
CA LEU A 164 -0.38 -9.50 0.11
C LEU A 164 -1.20 -8.48 0.90
N THR A 165 -1.29 -7.26 0.37
CA THR A 165 -2.11 -6.22 1.01
C THR A 165 -2.99 -5.55 -0.05
N VAL A 166 -4.17 -5.12 0.38
CA VAL A 166 -5.11 -4.41 -0.47
C VAL A 166 -4.91 -2.94 -0.14
N PRO A 167 -4.18 -2.21 -1.01
CA PRO A 167 -3.87 -0.77 -0.85
C PRO A 167 -5.02 0.18 -0.52
N ILE A 168 -6.24 -0.20 -0.85
CA ILE A 168 -7.41 0.65 -0.60
C ILE A 168 -8.20 0.26 0.65
N ALA A 169 -7.73 -0.76 1.35
CA ALA A 169 -8.42 -1.23 2.55
C ALA A 169 -7.67 -0.98 3.85
N GLN A 170 -8.40 -1.05 4.96
CA GLN A 170 -7.82 -0.89 6.28
C GLN A 170 -8.78 -1.55 7.26
N ASP A 171 -8.24 -2.38 8.14
CA ASP A 171 -9.07 -3.08 9.12
C ASP A 171 -9.86 -2.10 9.96
N GLN A 172 -11.07 -2.51 10.36
CA GLN A 172 -11.88 -1.70 11.26
C GLN A 172 -11.64 -2.33 12.63
N VAL A 173 -10.68 -1.75 13.34
CA VAL A 173 -10.30 -2.20 14.67
C VAL A 173 -11.50 -2.52 15.56
N GLY A 174 -12.57 -1.75 15.41
CA GLY A 174 -13.76 -1.99 16.23
C GLY A 174 -14.42 -3.33 15.99
N MET A 175 -14.03 -4.02 14.92
CA MET A 175 -14.61 -5.31 14.57
C MET A 175 -13.78 -6.47 15.11
N TYR A 176 -12.62 -6.15 15.65
CA TYR A 176 -11.71 -7.16 16.19
C TYR A 176 -12.25 -7.90 17.39
N TYR A 177 -11.64 -9.05 17.65
CA TYR A 177 -11.98 -9.81 18.84
C TYR A 177 -11.24 -8.93 19.86
N GLN A 178 -11.94 -8.49 20.90
CA GLN A 178 -11.25 -7.67 21.89
C GLN A 178 -11.02 -8.48 23.14
N GLN A 179 -9.75 -8.60 23.53
CA GLN A 179 -9.39 -9.37 24.69
C GLN A 179 -9.54 -8.58 25.99
N PRO A 180 -10.27 -9.15 26.95
CA PRO A 180 -10.51 -8.51 28.26
C PRO A 180 -9.26 -7.89 28.88
N GLY A 181 -9.33 -6.59 29.13
CA GLY A 181 -8.23 -5.87 29.74
C GLY A 181 -7.19 -5.39 28.74
N GLN A 182 -7.46 -5.56 27.46
CA GLN A 182 -6.51 -5.14 26.43
C GLN A 182 -7.05 -4.05 25.50
N GLN A 183 -6.15 -3.24 24.98
CA GLN A 183 -6.54 -2.21 24.03
C GLN A 183 -6.91 -2.97 22.77
N LEU A 184 -7.67 -2.35 21.87
CA LEU A 184 -8.03 -3.02 20.63
C LEU A 184 -6.73 -3.13 19.84
N ALA A 185 -6.56 -4.23 19.10
CA ALA A 185 -5.38 -4.47 18.26
C ALA A 185 -4.17 -5.04 18.98
N THR A 186 -4.34 -5.41 20.25
CA THR A 186 -3.27 -6.01 21.04
C THR A 186 -3.83 -7.25 21.71
N TRP A 187 -3.06 -8.34 21.69
CA TRP A 187 -3.51 -9.58 22.29
C TRP A 187 -2.35 -10.30 22.98
N ILE A 188 -2.67 -10.99 24.07
CA ILE A 188 -1.66 -11.77 24.79
C ILE A 188 -2.10 -13.21 24.54
N VAL A 189 -1.26 -13.98 23.85
CA VAL A 189 -1.62 -15.37 23.56
C VAL A 189 -1.62 -16.23 24.82
N PRO A 190 -2.76 -16.83 25.15
CA PRO A 190 -2.93 -17.70 26.33
C PRO A 190 -2.08 -18.97 26.26
N PRO A 191 -1.80 -19.59 27.42
CA PRO A 191 -1.00 -20.81 27.47
C PRO A 191 -1.67 -21.88 26.59
N GLY A 192 -0.88 -22.64 25.86
CA GLY A 192 -1.43 -23.67 25.00
C GLY A 192 -2.40 -23.20 23.92
N GLN A 193 -2.22 -21.98 23.43
CA GLN A 193 -3.09 -21.47 22.37
C GLN A 193 -2.30 -20.67 21.36
N TYR A 194 -2.88 -20.41 20.20
CA TYR A 194 -2.15 -19.70 19.16
C TYR A 194 -2.92 -18.58 18.48
N PHE A 195 -2.17 -17.61 17.94
CA PHE A 195 -2.73 -16.48 17.22
C PHE A 195 -2.46 -16.77 15.75
N MET A 196 -3.53 -16.87 14.96
CA MET A 196 -3.42 -17.20 13.56
C MET A 196 -3.71 -16.04 12.59
N MET A 197 -2.88 -15.92 11.56
CA MET A 197 -3.08 -14.88 10.54
C MET A 197 -2.77 -15.40 9.15
N GLY A 198 -3.56 -14.96 8.18
CA GLY A 198 -3.36 -15.38 6.81
C GLY A 198 -2.46 -14.40 6.07
N ASP A 199 -1.74 -14.90 5.06
CA ASP A 199 -0.84 -14.07 4.27
C ASP A 199 -1.57 -12.99 3.45
N ASN A 200 -2.76 -13.29 2.97
CA ASN A 200 -3.53 -12.31 2.22
C ASN A 200 -4.17 -11.52 3.36
N ARG A 201 -3.38 -10.63 3.93
CA ARG A 201 -3.75 -9.85 5.12
C ARG A 201 -5.06 -9.07 5.20
N ASP A 202 -5.61 -8.63 4.07
CA ASP A 202 -6.88 -7.90 4.11
C ASP A 202 -8.01 -8.82 3.64
N ASN A 203 -7.67 -10.07 3.37
CA ASN A 203 -8.64 -11.07 2.92
C ASN A 203 -8.55 -12.32 3.77
N SER A 204 -8.49 -12.12 5.08
CA SER A 204 -8.35 -13.24 6.00
C SER A 204 -9.10 -13.08 7.32
N ALA A 205 -10.14 -13.89 7.49
CA ALA A 205 -10.92 -13.87 8.71
C ALA A 205 -10.16 -14.76 9.69
N ASP A 206 -9.23 -14.16 10.42
CA ASP A 206 -8.38 -14.92 11.35
C ASP A 206 -8.48 -14.47 12.80
N SER A 207 -7.47 -14.82 13.60
CA SER A 207 -7.44 -14.49 15.02
C SER A 207 -7.80 -13.05 15.38
N ARG A 208 -7.58 -12.11 14.46
CA ARG A 208 -7.91 -10.71 14.70
C ARG A 208 -9.40 -10.59 14.99
N TYR A 209 -10.20 -11.44 14.36
CA TYR A 209 -11.65 -11.40 14.49
C TYR A 209 -12.30 -12.47 15.36
N TRP A 210 -11.72 -13.65 15.46
CA TRP A 210 -12.34 -14.68 16.28
C TRP A 210 -11.50 -15.28 17.41
N GLY A 211 -10.38 -14.65 17.73
CA GLY A 211 -9.58 -15.14 18.83
C GLY A 211 -8.52 -16.21 18.59
N PHE A 212 -8.12 -16.85 19.67
CA PHE A 212 -7.06 -17.85 19.62
C PHE A 212 -7.50 -19.26 19.30
N VAL A 213 -6.52 -20.07 18.90
CA VAL A 213 -6.76 -21.45 18.56
C VAL A 213 -6.13 -22.37 19.61
N PRO A 214 -6.97 -23.13 20.32
CA PRO A 214 -6.45 -24.04 21.35
C PRO A 214 -5.63 -25.14 20.68
N GLU A 215 -4.54 -25.52 21.34
CA GLU A 215 -3.65 -26.58 20.86
C GLU A 215 -4.41 -27.81 20.36
N ALA A 216 -5.45 -28.20 21.09
CA ALA A 216 -6.25 -29.37 20.76
C ALA A 216 -6.96 -29.24 19.42
N ASN A 217 -7.14 -28.02 18.94
CA ASN A 217 -7.81 -27.80 17.67
C ASN A 217 -6.84 -27.92 16.50
N LEU A 218 -5.55 -28.01 16.81
CA LEU A 218 -4.53 -28.12 15.77
C LEU A 218 -4.56 -29.47 15.07
N VAL A 219 -4.42 -29.48 13.76
CA VAL A 219 -4.39 -30.74 13.03
C VAL A 219 -2.95 -31.04 12.66
N GLY A 220 -2.35 -30.22 11.81
CA GLY A 220 -0.99 -30.46 11.41
C GLY A 220 -0.32 -29.27 10.75
N ARG A 221 0.94 -29.47 10.36
CA ARG A 221 1.75 -28.46 9.71
C ARG A 221 1.84 -28.73 8.20
N ALA A 222 1.73 -27.68 7.39
CA ALA A 222 1.80 -27.83 5.93
C ALA A 222 3.23 -28.07 5.50
N THR A 223 3.46 -29.16 4.78
CA THR A 223 4.82 -29.52 4.36
C THR A 223 5.10 -29.32 2.89
N ALA A 224 4.06 -29.33 2.06
CA ALA A 224 4.26 -29.17 0.63
C ALA A 224 3.01 -29.07 -0.23
N ILE A 225 3.21 -28.63 -1.46
CA ILE A 225 2.14 -28.52 -2.43
C ILE A 225 2.35 -29.75 -3.31
N TRP A 226 1.43 -30.70 -3.16
CA TRP A 226 1.50 -31.95 -3.87
C TRP A 226 0.91 -31.78 -5.27
N MET A 227 -0.03 -30.86 -5.38
CA MET A 227 -0.69 -30.59 -6.65
C MET A 227 -1.53 -29.31 -6.53
N SER A 228 -1.86 -28.70 -7.68
CA SER A 228 -2.70 -27.52 -7.69
C SER A 228 -3.46 -27.44 -9.00
N PHE A 229 -4.72 -27.05 -8.93
CA PHE A 229 -5.55 -26.99 -10.11
C PHE A 229 -6.25 -25.70 -10.46
N ASP A 230 -5.48 -24.67 -10.83
CA ASP A 230 -6.09 -23.43 -11.25
C ASP A 230 -6.21 -23.70 -12.73
N LEU A 240 -3.95 -26.69 -14.23
CA LEU A 240 -3.06 -27.84 -14.03
C LEU A 240 -1.67 -27.23 -13.85
N ARG A 241 -1.48 -26.60 -12.69
CA ARG A 241 -0.24 -25.94 -12.36
C ARG A 241 0.82 -26.84 -11.76
N LEU A 242 1.52 -27.57 -12.63
CA LEU A 242 2.58 -28.47 -12.18
C LEU A 242 3.74 -27.65 -11.65
N SER A 243 3.77 -26.39 -12.06
CA SER A 243 4.80 -25.44 -11.67
C SER A 243 4.77 -25.11 -10.18
N ARG A 244 3.63 -25.29 -9.53
CA ARG A 244 3.53 -24.98 -8.11
C ARG A 244 3.84 -26.15 -7.18
N ILE A 245 4.03 -27.34 -7.74
CA ILE A 245 4.36 -28.53 -6.96
C ILE A 245 5.77 -28.38 -6.39
N GLY A 246 5.91 -28.63 -5.10
CA GLY A 246 7.21 -28.50 -4.46
C GLY A 246 7.09 -27.98 -3.04
N GLY A 247 8.04 -27.14 -2.62
CA GLY A 247 7.99 -26.61 -1.28
C GLY A 247 7.11 -25.37 -1.17
N ILE A 248 6.71 -25.04 0.06
CA ILE A 248 5.90 -23.84 0.28
C ILE A 248 6.91 -22.69 0.40
N HIS A 249 6.71 -21.68 -0.45
CA HIS A 249 7.57 -20.52 -0.56
C HIS A 249 7.06 -19.26 0.15
N SER B 4 -41.67 28.97 2.23
CA SER B 4 -41.48 28.01 3.36
C SER B 4 -40.16 27.23 3.22
N PHE B 5 -39.21 27.53 4.09
CA PHE B 5 -37.90 26.87 4.08
C PHE B 5 -37.58 26.27 5.46
N ILE B 6 -37.51 24.94 5.53
CA ILE B 6 -37.22 24.23 6.78
C ILE B 6 -35.75 23.90 6.99
N TYR B 7 -35.29 24.06 8.24
CA TYR B 7 -33.90 23.75 8.61
C TYR B 7 -33.88 22.30 9.09
N GLU B 8 -33.58 21.37 8.19
CA GLU B 8 -33.55 19.96 8.57
C GLU B 8 -32.67 19.73 9.78
N PRO B 9 -33.22 19.08 10.82
CA PRO B 9 -32.53 18.76 12.06
C PRO B 9 -31.65 17.51 12.00
N PHE B 10 -31.75 16.76 10.91
CA PHE B 10 -30.94 15.55 10.76
C PHE B 10 -29.68 15.83 9.92
N GLN B 11 -28.63 15.06 10.19
CA GLN B 11 -27.37 15.20 9.45
C GLN B 11 -27.44 14.30 8.21
N ILE B 12 -26.76 14.71 7.14
CA ILE B 12 -26.73 13.88 5.93
C ILE B 12 -26.03 12.60 6.36
N PRO B 13 -26.70 11.44 6.19
CA PRO B 13 -26.19 10.12 6.58
C PRO B 13 -25.27 9.38 5.60
N SER B 14 -25.33 9.70 4.31
CA SER B 14 -24.45 9.01 3.34
C SER B 14 -23.57 9.99 2.57
N GLY B 15 -22.64 9.45 1.78
CA GLY B 15 -21.76 10.33 1.02
C GLY B 15 -22.01 10.35 -0.48
N SER B 16 -23.18 9.90 -0.90
CA SER B 16 -23.50 9.84 -2.32
C SER B 16 -23.59 11.19 -3.03
N MET B 17 -23.62 12.28 -2.26
CA MET B 17 -23.69 13.61 -2.85
C MET B 17 -22.39 14.39 -2.67
N MET B 18 -21.33 13.68 -2.28
CA MET B 18 -20.04 14.33 -2.10
C MET B 18 -19.60 14.84 -3.48
N PRO B 19 -18.85 15.95 -3.50
CA PRO B 19 -18.42 16.70 -2.33
C PRO B 19 -19.39 17.86 -2.04
N THR B 20 -20.46 17.95 -2.83
CA THR B 20 -21.45 19.00 -2.65
C THR B 20 -22.01 18.92 -1.24
N LEU B 21 -22.39 17.71 -0.84
CA LEU B 21 -22.92 17.45 0.48
C LEU B 21 -22.06 16.37 1.12
N LEU B 22 -21.67 16.59 2.38
CA LEU B 22 -20.85 15.64 3.12
C LEU B 22 -21.63 15.05 4.29
N ILE B 23 -21.23 13.85 4.72
CA ILE B 23 -21.85 13.21 5.87
C ILE B 23 -21.69 14.15 7.06
N GLY B 24 -22.79 14.52 7.70
CA GLY B 24 -22.68 15.42 8.83
C GLY B 24 -23.17 16.83 8.55
N ASP B 25 -23.55 17.10 7.30
CA ASP B 25 -24.07 18.42 6.94
C ASP B 25 -25.54 18.50 7.34
N PHE B 26 -25.97 19.69 7.70
CA PHE B 26 -27.37 19.93 8.04
C PHE B 26 -27.85 20.76 6.87
N ILE B 27 -29.00 20.43 6.31
CA ILE B 27 -29.50 21.18 5.15
C ILE B 27 -30.78 21.97 5.31
N LEU B 28 -30.87 23.04 4.53
CA LEU B 28 -32.02 23.93 4.49
C LEU B 28 -32.81 23.45 3.26
N VAL B 29 -34.03 22.98 3.49
CA VAL B 29 -34.86 22.47 2.41
C VAL B 29 -36.12 23.31 2.22
N GLU B 30 -36.31 23.87 1.04
CA GLU B 30 -37.52 24.64 0.79
C GLU B 30 -38.45 23.76 -0.03
N LYS B 31 -39.63 23.47 0.54
CA LYS B 31 -40.63 22.63 -0.10
C LYS B 31 -41.12 23.21 -1.42
N PHE B 32 -41.51 22.32 -2.33
CA PHE B 32 -42.02 22.72 -3.64
C PHE B 32 -43.45 23.22 -3.51
N ALA B 33 -44.10 22.93 -2.38
CA ALA B 33 -45.47 23.36 -2.17
C ALA B 33 -45.67 24.01 -0.81
N HIS B 50 -42.21 22.40 -9.03
CA HIS B 50 -41.54 21.21 -9.57
C HIS B 50 -40.04 21.44 -9.68
N PRO B 51 -39.25 20.37 -9.50
CA PRO B 51 -37.79 20.53 -9.61
C PRO B 51 -37.28 20.90 -11.01
N LYS B 52 -36.09 21.49 -11.05
CA LYS B 52 -35.43 21.88 -12.29
C LYS B 52 -34.20 20.97 -12.46
N ARG B 53 -33.74 20.78 -13.70
CA ARG B 53 -32.56 19.96 -13.93
C ARG B 53 -31.43 20.54 -13.10
N GLY B 54 -30.73 19.67 -12.38
CA GLY B 54 -29.62 20.15 -11.58
C GLY B 54 -29.97 20.46 -10.14
N ASP B 55 -31.25 20.44 -9.77
CA ASP B 55 -31.66 20.70 -8.38
C ASP B 55 -31.28 19.55 -7.45
N ILE B 56 -30.79 19.90 -6.27
CA ILE B 56 -30.48 18.88 -5.28
C ILE B 56 -31.85 18.65 -4.63
N VAL B 57 -32.44 17.49 -4.89
CA VAL B 57 -33.77 17.21 -4.38
C VAL B 57 -33.88 16.20 -3.26
N VAL B 58 -34.71 16.55 -2.27
CA VAL B 58 -34.95 15.66 -1.14
C VAL B 58 -36.22 14.92 -1.47
N PHE B 59 -36.21 13.60 -1.32
CA PHE B 59 -37.41 12.81 -1.62
C PHE B 59 -37.57 11.56 -0.75
N LYS B 60 -38.68 10.88 -0.98
CA LYS B 60 -39.01 9.63 -0.27
C LYS B 60 -38.66 8.45 -1.20
N TYR B 61 -37.78 7.57 -0.74
CA TYR B 61 -37.35 6.40 -1.51
C TYR B 61 -38.56 5.60 -2.01
N PRO B 62 -38.79 5.56 -3.34
CA PRO B 62 -39.90 4.83 -3.96
C PRO B 62 -40.17 3.42 -3.43
N GLU B 63 -39.14 2.58 -3.43
CA GLU B 63 -39.29 1.22 -2.95
C GLU B 63 -39.69 1.22 -1.47
N ASP B 64 -39.14 2.18 -0.72
CA ASP B 64 -39.43 2.29 0.70
C ASP B 64 -39.60 3.77 1.07
N PRO B 65 -40.78 4.36 0.81
CA PRO B 65 -40.97 5.78 1.14
C PRO B 65 -40.74 6.20 2.60
N LYS B 66 -40.47 5.24 3.48
CA LYS B 66 -40.23 5.54 4.89
C LYS B 66 -38.93 6.29 5.14
N LEU B 67 -38.01 6.23 4.18
CA LEU B 67 -36.71 6.91 4.28
C LEU B 67 -36.66 8.12 3.33
N ASP B 68 -35.87 9.14 3.67
CA ASP B 68 -35.71 10.33 2.82
C ASP B 68 -34.32 10.41 2.21
N TYR B 69 -34.27 10.45 0.87
CA TYR B 69 -32.99 10.51 0.18
C TYR B 69 -32.71 11.89 -0.41
N ILE B 70 -31.45 12.12 -0.79
CA ILE B 70 -31.00 13.37 -1.39
C ILE B 70 -30.14 13.05 -2.64
N LYS B 71 -30.62 13.46 -3.81
CA LYS B 71 -29.93 13.22 -5.09
C LYS B 71 -30.12 14.44 -6.00
N ARG B 72 -29.44 14.40 -7.13
CA ARG B 72 -29.55 15.48 -8.08
C ARG B 72 -30.50 15.06 -9.18
N ALA B 73 -31.50 15.91 -9.42
CA ALA B 73 -32.51 15.69 -10.45
C ALA B 73 -31.79 15.93 -11.76
N VAL B 74 -31.43 14.86 -12.44
CA VAL B 74 -30.70 14.94 -13.69
C VAL B 74 -31.58 14.91 -14.94
N GLY B 75 -32.68 14.16 -14.87
CA GLY B 75 -33.60 14.07 -15.99
C GLY B 75 -35.01 14.40 -15.57
N LEU B 76 -35.69 15.22 -16.36
CA LEU B 76 -37.07 15.62 -16.09
C LEU B 76 -37.97 14.83 -17.04
N PRO B 77 -39.29 14.85 -16.79
CA PRO B 77 -40.26 14.13 -17.62
C PRO B 77 -39.99 14.36 -19.12
N GLY B 78 -39.87 13.26 -19.85
CA GLY B 78 -39.61 13.36 -21.28
C GLY B 78 -38.14 13.28 -21.66
N ASP B 79 -37.24 13.62 -20.74
CA ASP B 79 -35.81 13.54 -21.02
C ASP B 79 -35.38 12.12 -21.33
N LYS B 80 -34.52 11.98 -22.34
CA LYS B 80 -33.94 10.70 -22.69
C LYS B 80 -32.59 10.86 -22.01
N VAL B 81 -32.33 10.04 -21.00
CA VAL B 81 -31.08 10.12 -20.26
C VAL B 81 -30.18 8.93 -20.61
N THR B 82 -28.94 9.24 -21.00
CA THR B 82 -27.97 8.20 -21.34
C THR B 82 -26.71 8.38 -20.50
N TYR B 83 -26.26 7.30 -19.88
CA TYR B 83 -25.04 7.40 -19.09
C TYR B 83 -23.96 6.55 -19.75
N ASP B 84 -22.82 7.18 -20.04
CA ASP B 84 -21.70 6.45 -20.61
C ASP B 84 -20.86 5.99 -19.42
N PRO B 85 -20.88 4.68 -19.13
CA PRO B 85 -20.17 3.99 -18.06
C PRO B 85 -18.64 4.14 -18.07
N VAL B 86 -18.08 4.20 -19.28
CA VAL B 86 -16.64 4.30 -19.42
C VAL B 86 -16.13 5.71 -19.17
N SER B 87 -16.79 6.72 -19.72
CA SER B 87 -16.31 8.09 -19.50
C SER B 87 -16.98 8.69 -18.26
N LYS B 88 -18.04 8.04 -17.82
CA LYS B 88 -18.78 8.50 -16.67
C LYS B 88 -19.35 9.87 -17.00
N GLU B 89 -19.96 9.95 -18.17
CA GLU B 89 -20.56 11.19 -18.62
C GLU B 89 -22.02 10.99 -18.99
N LEU B 90 -22.80 12.03 -18.78
CA LEU B 90 -24.22 12.01 -19.07
C LEU B 90 -24.54 12.71 -20.37
N THR B 91 -25.62 12.27 -20.99
CA THR B 91 -26.10 12.87 -22.22
C THR B 91 -27.61 13.02 -22.00
N ILE B 92 -28.11 14.22 -22.21
CA ILE B 92 -29.53 14.51 -22.01
C ILE B 92 -30.25 15.07 -23.23
N GLN B 93 -31.30 14.38 -23.66
CA GLN B 93 -32.09 14.80 -24.80
C GLN B 93 -33.56 15.01 -24.43
N PRO B 94 -33.94 16.27 -24.21
CA PRO B 94 -35.29 16.71 -23.84
C PRO B 94 -36.37 16.35 -24.86
N GLY B 95 -37.62 16.43 -24.41
CA GLY B 95 -38.74 16.15 -25.28
C GLY B 95 -38.69 14.82 -26.00
N CYS B 96 -38.62 13.74 -25.23
CA CYS B 96 -38.60 12.41 -25.81
C CYS B 96 -39.60 11.42 -25.26
N SER B 97 -39.51 10.17 -25.73
CA SER B 97 -40.44 9.14 -25.29
C SER B 97 -40.98 8.41 -26.51
N SER B 98 -42.29 8.21 -26.54
CA SER B 98 -42.90 7.49 -27.66
C SER B 98 -42.71 8.16 -29.00
N GLY B 99 -41.62 7.81 -29.69
CA GLY B 99 -41.35 8.40 -30.99
C GLY B 99 -40.09 7.90 -31.68
N GLN B 100 -39.53 8.73 -32.55
CA GLN B 100 -38.32 8.36 -33.26
C GLN B 100 -37.50 9.57 -33.67
N ALA B 101 -36.68 10.06 -32.76
CA ALA B 101 -35.85 11.22 -33.05
C ALA B 101 -34.86 11.46 -31.92
N CYS B 102 -35.27 12.25 -30.94
CA CYS B 102 -34.44 12.56 -29.77
C CYS B 102 -33.07 13.09 -30.15
N GLU B 103 -33.02 13.81 -31.27
CA GLU B 103 -31.78 14.38 -31.73
C GLU B 103 -31.24 15.51 -30.85
N ASN B 104 -32.02 16.57 -30.70
CA ASN B 104 -31.62 17.73 -29.91
C ASN B 104 -31.20 17.38 -28.49
N ALA B 105 -30.07 17.91 -28.07
CA ALA B 105 -29.52 17.62 -26.76
C ALA B 105 -29.32 18.83 -25.86
N LEU B 106 -29.32 18.57 -24.57
CA LEU B 106 -29.07 19.60 -23.57
C LEU B 106 -27.58 19.37 -23.35
N PRO B 107 -26.74 20.30 -23.82
CA PRO B 107 -25.30 20.12 -23.63
C PRO B 107 -24.89 19.90 -22.18
N VAL B 108 -24.08 18.87 -21.97
CA VAL B 108 -23.58 18.56 -20.64
C VAL B 108 -22.07 18.62 -20.82
N THR B 109 -21.46 19.65 -20.24
CA THR B 109 -20.02 19.85 -20.36
C THR B 109 -19.24 19.48 -19.09
N TYR B 110 -18.08 18.85 -19.29
CA TYR B 110 -17.25 18.42 -18.16
C TYR B 110 -15.86 19.07 -18.14
N SER B 111 -15.44 19.54 -16.97
CA SER B 111 -14.13 20.15 -16.86
C SER B 111 -13.08 19.04 -16.75
N ASN B 112 -11.83 19.44 -16.60
CA ASN B 112 -10.74 18.49 -16.48
C ASN B 112 -10.76 17.72 -15.15
N VAL B 113 -10.29 16.49 -15.21
CA VAL B 113 -10.23 15.65 -14.03
C VAL B 113 -9.04 16.03 -13.16
N GLU B 114 -9.31 16.37 -11.91
CA GLU B 114 -8.27 16.76 -10.98
C GLU B 114 -8.45 15.93 -9.71
N PRO B 115 -7.37 15.69 -8.96
CA PRO B 115 -7.58 14.90 -7.74
C PRO B 115 -8.44 15.67 -6.76
N SER B 116 -9.31 14.98 -6.04
CA SER B 116 -10.17 15.64 -5.07
C SER B 116 -9.51 15.76 -3.70
N ASP B 117 -10.23 16.33 -2.74
CA ASP B 117 -9.74 16.48 -1.37
C ASP B 117 -10.10 15.22 -0.58
N PHE B 118 -10.64 14.21 -1.25
CA PHE B 118 -11.05 13.01 -0.51
C PHE B 118 -10.43 11.68 -0.90
N VAL B 119 -10.19 10.87 0.13
CA VAL B 119 -9.63 9.54 -0.02
C VAL B 119 -10.68 8.59 0.55
N GLN B 120 -10.93 7.50 -0.17
CA GLN B 120 -11.91 6.50 0.26
C GLN B 120 -11.17 5.25 0.70
N THR B 121 -11.52 4.75 1.89
CA THR B 121 -10.89 3.54 2.42
C THR B 121 -11.95 2.46 2.59
N PHE B 122 -11.61 1.24 2.18
CA PHE B 122 -12.54 0.13 2.27
C PHE B 122 -12.24 -0.85 3.40
N SER B 123 -13.27 -1.56 3.83
CA SER B 123 -13.16 -2.57 4.89
C SER B 123 -14.14 -3.69 4.58
N ARG B 124 -13.95 -4.85 5.19
CA ARG B 124 -14.83 -5.98 4.95
C ARG B 124 -16.12 -5.92 5.77
N ARG B 125 -17.19 -6.46 5.21
CA ARG B 125 -18.47 -6.49 5.87
C ARG B 125 -18.88 -7.95 6.02
N ASN B 126 -20.17 -8.22 5.89
CA ASN B 126 -20.64 -9.60 6.01
C ASN B 126 -20.85 -10.24 4.64
N GLY B 127 -20.62 -11.56 4.57
CA GLY B 127 -20.80 -12.29 3.32
C GLY B 127 -20.50 -11.52 2.06
N GLY B 128 -19.22 -11.49 1.67
CA GLY B 128 -18.82 -10.76 0.48
C GLY B 128 -18.39 -9.37 0.89
N GLU B 129 -18.85 -8.96 2.07
CA GLU B 129 -18.53 -7.66 2.63
C GLU B 129 -18.63 -6.50 1.68
N ALA B 130 -17.87 -5.46 1.97
CA ALA B 130 -17.87 -4.27 1.13
C ALA B 130 -18.44 -3.07 1.85
N THR B 131 -17.55 -2.28 2.46
CA THR B 131 -17.95 -1.06 3.17
C THR B 131 -16.78 -0.07 3.09
N SER B 132 -17.06 1.20 3.36
CA SER B 132 -15.98 2.19 3.30
C SER B 132 -16.25 3.50 4.02
N GLY B 133 -15.18 4.27 4.21
CA GLY B 133 -15.26 5.57 4.87
C GLY B 133 -14.57 6.62 4.01
N PHE B 134 -14.94 7.89 4.20
CA PHE B 134 -14.35 8.98 3.43
C PHE B 134 -13.51 9.87 4.33
N PHE B 135 -12.35 10.28 3.83
CA PHE B 135 -11.46 11.14 4.61
C PHE B 135 -10.95 12.33 3.82
N GLU B 136 -11.11 13.53 4.39
CA GLU B 136 -10.65 14.76 3.75
C GLU B 136 -9.14 14.86 3.96
N VAL B 137 -8.37 14.62 2.91
CA VAL B 137 -6.93 14.66 2.97
C VAL B 137 -6.40 15.75 2.05
N PRO B 138 -5.59 16.68 2.59
CA PRO B 138 -5.07 17.74 1.72
C PRO B 138 -4.38 17.11 0.51
N LYS B 139 -4.50 17.76 -0.64
CA LYS B 139 -3.94 17.27 -1.89
C LYS B 139 -2.44 16.98 -1.87
N ASN B 140 -1.68 17.79 -1.15
CA ASN B 140 -0.23 17.63 -1.07
C ASN B 140 0.16 16.42 -0.23
N GLU B 141 -0.75 15.98 0.64
CA GLU B 141 -0.51 14.84 1.50
C GLU B 141 -1.11 13.55 0.93
N THR B 142 -0.85 12.44 1.60
CA THR B 142 -1.37 11.16 1.16
C THR B 142 -1.68 10.29 2.37
N LYS B 143 -2.84 9.65 2.35
CA LYS B 143 -3.24 8.78 3.44
C LYS B 143 -2.85 7.34 3.12
N GLU B 144 -2.10 6.72 4.03
CA GLU B 144 -1.67 5.34 3.90
C GLU B 144 -2.97 4.55 3.79
N ASN B 145 -3.09 3.71 2.78
CA ASN B 145 -4.32 2.93 2.61
C ASN B 145 -5.48 3.80 2.14
N GLY B 146 -6.09 3.41 1.03
CA GLY B 146 -7.21 4.16 0.51
C GLY B 146 -6.92 4.66 -0.89
N ILE B 147 -7.94 5.14 -1.57
CA ILE B 147 -7.74 5.64 -2.92
C ILE B 147 -8.21 7.07 -2.97
N ARG B 148 -7.38 7.92 -3.56
CA ARG B 148 -7.69 9.33 -3.71
C ARG B 148 -8.71 9.41 -4.84
N LEU B 149 -9.85 10.04 -4.57
CA LEU B 149 -10.88 10.17 -5.59
C LEU B 149 -10.63 11.40 -6.45
N SER B 150 -11.05 11.32 -7.71
CA SER B 150 -10.89 12.43 -8.61
C SER B 150 -12.17 13.27 -8.61
N GLU B 151 -12.05 14.51 -9.06
CA GLU B 151 -13.20 15.38 -9.13
C GLU B 151 -13.17 16.19 -10.42
N ARG B 152 -14.34 16.72 -10.81
CA ARG B 152 -14.44 17.54 -12.00
C ARG B 152 -15.75 18.28 -11.94
N LYS B 153 -15.91 19.30 -12.76
CA LYS B 153 -17.15 20.06 -12.77
C LYS B 153 -18.03 19.49 -13.88
N GLU B 154 -19.33 19.44 -13.63
CA GLU B 154 -20.32 18.96 -14.59
C GLU B 154 -21.33 20.08 -14.76
N THR B 155 -21.56 20.51 -15.99
CA THR B 155 -22.53 21.58 -16.25
C THR B 155 -23.72 20.97 -16.98
N LEU B 156 -24.86 20.96 -16.29
CA LEU B 156 -26.11 20.44 -16.84
C LEU B 156 -26.94 21.68 -17.14
N GLY B 157 -27.39 21.82 -18.38
CA GLY B 157 -28.17 22.99 -18.73
C GLY B 157 -27.39 24.23 -18.35
N ASP B 158 -27.82 24.91 -17.29
CA ASP B 158 -27.15 26.11 -16.81
C ASP B 158 -26.67 25.98 -15.36
N VAL B 159 -26.68 24.74 -14.84
CA VAL B 159 -26.23 24.50 -13.48
C VAL B 159 -24.89 23.75 -13.50
N THR B 160 -23.93 24.27 -12.75
CA THR B 160 -22.61 23.65 -12.69
C THR B 160 -22.35 23.22 -11.26
N HIS B 161 -21.80 22.03 -11.11
CA HIS B 161 -21.50 21.48 -9.79
C HIS B 161 -20.40 20.44 -9.97
N ARG B 162 -19.86 19.94 -8.87
CA ARG B 162 -18.81 18.94 -8.96
C ARG B 162 -19.30 17.50 -8.75
N ILE B 163 -18.45 16.54 -9.07
CA ILE B 163 -18.73 15.13 -8.90
C ILE B 163 -17.42 14.47 -8.55
N LEU B 164 -17.50 13.30 -7.92
CA LEU B 164 -16.30 12.55 -7.57
C LEU B 164 -16.36 11.24 -8.32
N THR B 165 -15.21 10.71 -8.71
CA THR B 165 -15.17 9.42 -9.39
C THR B 165 -14.06 8.62 -8.77
N VAL B 166 -14.21 7.31 -8.83
CA VAL B 166 -13.23 6.38 -8.28
C VAL B 166 -12.52 5.78 -9.48
N PRO B 167 -11.24 6.12 -9.66
CA PRO B 167 -10.37 5.66 -10.76
C PRO B 167 -10.47 4.20 -11.17
N ILE B 168 -10.53 3.30 -10.19
CA ILE B 168 -10.58 1.87 -10.50
C ILE B 168 -11.99 1.30 -10.66
N ALA B 169 -13.00 2.15 -10.50
CA ALA B 169 -14.38 1.66 -10.59
C ALA B 169 -15.09 1.99 -11.89
N GLN B 170 -16.02 1.12 -12.27
CA GLN B 170 -16.83 1.30 -13.46
C GLN B 170 -18.18 0.61 -13.24
N ASP B 171 -19.27 1.31 -13.49
CA ASP B 171 -20.59 0.73 -13.30
C ASP B 171 -20.71 -0.55 -14.11
N GLN B 172 -21.44 -1.53 -13.57
CA GLN B 172 -21.65 -2.77 -14.28
C GLN B 172 -23.04 -2.69 -14.87
N VAL B 173 -23.07 -2.36 -16.15
CA VAL B 173 -24.30 -2.24 -16.92
C VAL B 173 -25.37 -3.26 -16.55
N GLY B 174 -24.96 -4.52 -16.42
CA GLY B 174 -25.91 -5.58 -16.08
C GLY B 174 -26.60 -5.46 -14.73
N MET B 175 -26.10 -4.58 -13.87
CA MET B 175 -26.67 -4.37 -12.54
C MET B 175 -27.69 -3.22 -12.53
N TYR B 176 -27.78 -2.50 -13.64
CA TYR B 176 -28.71 -1.38 -13.74
C TYR B 176 -30.16 -1.80 -13.79
N TYR B 177 -31.03 -0.84 -13.49
CA TYR B 177 -32.45 -1.05 -13.63
C TYR B 177 -32.59 -0.86 -15.14
N GLN B 178 -33.14 -1.84 -15.84
CA GLN B 178 -33.32 -1.71 -17.28
C GLN B 178 -34.76 -1.36 -17.63
N GLN B 179 -34.95 -0.18 -18.22
CA GLN B 179 -36.28 0.25 -18.62
C GLN B 179 -36.66 -0.58 -19.84
N PRO B 180 -37.80 -1.27 -19.78
CA PRO B 180 -38.27 -2.10 -20.90
C PRO B 180 -38.34 -1.35 -22.24
N GLY B 181 -37.75 -1.95 -23.26
CA GLY B 181 -37.72 -1.32 -24.57
C GLY B 181 -36.49 -0.47 -24.77
N GLN B 182 -35.73 -0.22 -23.70
CA GLN B 182 -34.52 0.60 -23.79
C GLN B 182 -33.26 -0.22 -23.58
N GLN B 183 -32.19 0.19 -24.24
CA GLN B 183 -30.91 -0.50 -24.09
C GLN B 183 -30.35 -0.15 -22.71
N LEU B 184 -29.48 -1.00 -22.21
CA LEU B 184 -28.86 -0.77 -20.91
C LEU B 184 -28.16 0.59 -20.96
N ALA B 185 -28.27 1.36 -19.89
CA ALA B 185 -27.64 2.68 -19.77
C ALA B 185 -28.40 3.86 -20.39
N THR B 186 -29.60 3.61 -20.89
CA THR B 186 -30.42 4.68 -21.45
C THR B 186 -31.82 4.60 -20.84
N TRP B 187 -32.37 5.75 -20.46
CA TRP B 187 -33.68 5.78 -19.83
C TRP B 187 -34.47 6.96 -20.34
N ILE B 188 -35.77 6.77 -20.46
CA ILE B 188 -36.66 7.85 -20.88
C ILE B 188 -37.57 8.13 -19.68
N VAL B 189 -37.42 9.32 -19.11
CA VAL B 189 -38.19 9.73 -17.94
C VAL B 189 -39.70 9.81 -18.20
N PRO B 190 -40.48 8.93 -17.56
CA PRO B 190 -41.94 8.96 -17.75
C PRO B 190 -42.56 10.23 -17.18
N PRO B 191 -43.82 10.53 -17.58
CA PRO B 191 -44.55 11.72 -17.12
C PRO B 191 -44.68 11.77 -15.60
N GLY B 192 -44.48 12.95 -15.04
CA GLY B 192 -44.59 13.13 -13.60
C GLY B 192 -43.53 12.39 -12.79
N GLN B 193 -42.41 12.05 -13.41
CA GLN B 193 -41.36 11.35 -12.70
C GLN B 193 -39.98 11.97 -12.95
N TYR B 194 -38.97 11.54 -12.19
CA TYR B 194 -37.63 12.10 -12.32
C TYR B 194 -36.47 11.11 -12.20
N PHE B 195 -35.38 11.39 -12.91
CA PHE B 195 -34.19 10.54 -12.86
C PHE B 195 -33.19 11.22 -11.91
N MET B 196 -32.81 10.50 -10.86
CA MET B 196 -31.90 11.01 -9.84
C MET B 196 -30.53 10.36 -9.80
N MET B 197 -29.51 11.18 -9.56
CA MET B 197 -28.15 10.70 -9.47
C MET B 197 -27.38 11.47 -8.40
N GLY B 198 -26.47 10.78 -7.73
CA GLY B 198 -25.68 11.43 -6.70
C GLY B 198 -24.39 11.96 -7.27
N ASP B 199 -23.89 13.05 -6.70
CA ASP B 199 -22.65 13.64 -7.18
C ASP B 199 -21.45 12.71 -6.95
N ASN B 200 -21.49 11.88 -5.91
CA ASN B 200 -20.40 10.91 -5.66
C ASN B 200 -20.80 9.77 -6.59
N ARG B 201 -20.55 9.96 -7.88
CA ARG B 201 -20.94 9.04 -8.98
C ARG B 201 -20.69 7.54 -8.89
N ASP B 202 -19.61 7.12 -8.25
CA ASP B 202 -19.32 5.69 -8.14
C ASP B 202 -19.71 5.17 -6.74
N ASN B 203 -20.26 6.04 -5.91
CA ASN B 203 -20.67 5.65 -4.55
C ASN B 203 -22.10 6.16 -4.34
N SER B 204 -22.96 5.90 -5.31
CA SER B 204 -24.33 6.37 -5.22
C SER B 204 -25.34 5.41 -5.82
N ALA B 205 -26.20 4.88 -4.95
CA ALA B 205 -27.25 3.96 -5.37
C ALA B 205 -28.42 4.88 -5.74
N ASP B 206 -28.53 5.22 -7.02
CA ASP B 206 -29.57 6.12 -7.50
C ASP B 206 -30.46 5.51 -8.58
N SER B 207 -31.13 6.36 -9.37
CA SER B 207 -32.02 5.91 -10.44
C SER B 207 -31.39 4.90 -11.38
N ARG B 208 -30.07 4.96 -11.53
CA ARG B 208 -29.39 4.00 -12.39
C ARG B 208 -29.71 2.58 -11.92
N TYR B 209 -30.00 2.46 -10.63
CA TYR B 209 -30.26 1.15 -10.05
C TYR B 209 -31.70 0.86 -9.67
N TRP B 210 -32.45 1.88 -9.24
CA TRP B 210 -33.83 1.62 -8.86
C TRP B 210 -34.97 2.31 -9.59
N GLY B 211 -34.67 2.98 -10.70
CA GLY B 211 -35.75 3.61 -11.43
C GLY B 211 -36.00 5.07 -11.10
N PHE B 212 -37.15 5.56 -11.53
CA PHE B 212 -37.48 6.96 -11.34
C PHE B 212 -38.19 7.27 -10.04
N VAL B 213 -38.22 8.56 -9.71
CA VAL B 213 -38.85 9.05 -8.51
C VAL B 213 -40.10 9.83 -8.91
N PRO B 214 -41.29 9.36 -8.50
CA PRO B 214 -42.57 10.00 -8.81
C PRO B 214 -42.76 11.36 -8.14
N GLU B 215 -43.39 12.27 -8.87
CA GLU B 215 -43.67 13.63 -8.39
C GLU B 215 -44.19 13.67 -6.95
N ALA B 216 -44.89 12.60 -6.54
CA ALA B 216 -45.46 12.52 -5.20
C ALA B 216 -44.44 12.34 -4.08
N ASN B 217 -43.39 11.57 -4.32
CA ASN B 217 -42.35 11.32 -3.31
C ASN B 217 -41.44 12.49 -3.01
N LEU B 218 -41.53 13.55 -3.81
CA LEU B 218 -40.69 14.73 -3.59
C LEU B 218 -41.03 15.44 -2.30
N VAL B 219 -40.02 16.00 -1.65
CA VAL B 219 -40.21 16.75 -0.41
C VAL B 219 -39.87 18.21 -0.66
N GLY B 220 -38.68 18.44 -1.21
CA GLY B 220 -38.25 19.80 -1.50
C GLY B 220 -36.88 19.90 -2.12
N ARG B 221 -36.36 21.12 -2.21
CA ARG B 221 -35.05 21.38 -2.79
C ARG B 221 -34.07 21.83 -1.71
N ALA B 222 -32.86 21.27 -1.74
CA ALA B 222 -31.84 21.65 -0.77
C ALA B 222 -31.11 22.87 -1.30
N THR B 223 -31.28 24.01 -0.62
CA THR B 223 -30.65 25.25 -1.06
C THR B 223 -29.38 25.62 -0.29
N ALA B 224 -29.19 25.03 0.88
CA ALA B 224 -28.01 25.36 1.66
C ALA B 224 -27.69 24.43 2.83
N ILE B 225 -26.55 24.72 3.44
CA ILE B 225 -26.06 24.01 4.60
C ILE B 225 -26.07 25.05 5.71
N TRP B 226 -26.84 24.82 6.75
CA TRP B 226 -26.90 25.76 7.86
C TRP B 226 -26.07 25.31 9.05
N MET B 227 -25.38 24.18 8.89
CA MET B 227 -24.53 23.63 9.95
C MET B 227 -23.91 22.34 9.44
N SER B 228 -22.67 22.08 9.85
CA SER B 228 -21.98 20.89 9.44
C SER B 228 -21.14 20.36 10.59
N PHE B 229 -21.26 19.06 10.86
CA PHE B 229 -20.51 18.46 11.96
C PHE B 229 -20.11 17.00 11.70
N ASP B 230 -19.02 16.59 12.34
CA ASP B 230 -18.52 15.22 12.25
C ASP B 230 -17.21 15.04 13.01
N GLY B 239 -14.77 19.05 15.39
CA GLY B 239 -15.67 18.32 14.52
C GLY B 239 -16.61 19.25 13.77
N LEU B 240 -16.50 20.54 14.05
CA LEU B 240 -17.33 21.54 13.43
C LEU B 240 -16.74 22.01 12.09
N ARG B 241 -17.58 22.12 11.07
CA ARG B 241 -17.13 22.58 9.76
C ARG B 241 -17.92 23.82 9.36
N LEU B 242 -17.64 24.90 10.08
CA LEU B 242 -18.32 26.18 9.87
C LEU B 242 -18.10 26.79 8.49
N SER B 243 -17.05 26.34 7.80
CA SER B 243 -16.75 26.86 6.47
C SER B 243 -17.75 26.38 5.43
N ARG B 244 -18.45 25.30 5.73
CA ARG B 244 -19.43 24.73 4.81
C ARG B 244 -20.80 25.40 4.83
N ILE B 245 -21.04 26.24 5.84
CA ILE B 245 -22.33 26.92 5.95
C ILE B 245 -22.52 27.94 4.84
N GLY B 246 -23.68 27.88 4.19
CA GLY B 246 -23.98 28.80 3.11
C GLY B 246 -24.76 28.07 2.03
N GLY B 247 -25.14 28.80 0.98
CA GLY B 247 -25.90 28.19 -0.10
C GLY B 247 -25.15 27.09 -0.83
N ILE B 248 -25.90 26.24 -1.52
CA ILE B 248 -25.34 25.15 -2.29
C ILE B 248 -26.11 25.05 -3.60
N HIS B 249 -25.54 24.34 -4.56
CA HIS B 249 -26.20 24.14 -5.85
C HIS B 249 -25.57 22.95 -6.56
N VAL C 2 2.56 -15.55 -22.61
CA VAL C 2 2.81 -16.29 -21.34
C VAL C 2 4.07 -17.13 -21.39
N ARG C 3 3.89 -18.46 -21.38
CA ARG C 3 4.99 -19.43 -21.42
C ARG C 3 4.47 -20.81 -21.03
N SER C 4 4.32 -21.70 -22.01
CA SER C 4 3.83 -23.05 -21.75
C SER C 4 4.98 -24.03 -21.53
N PHE C 5 5.24 -24.37 -20.26
CA PHE C 5 6.32 -25.30 -19.93
C PHE C 5 5.89 -26.76 -20.02
N ILE C 6 6.88 -27.64 -20.15
CA ILE C 6 6.64 -29.07 -20.25
C ILE C 6 7.35 -29.81 -19.10
N TYR C 7 6.65 -30.74 -18.48
CA TYR C 7 7.21 -31.49 -17.36
C TYR C 7 7.17 -32.99 -17.62
N GLU C 8 8.01 -33.72 -16.90
CA GLU C 8 8.07 -35.17 -17.01
C GLU C 8 8.45 -35.77 -15.67
N PRO C 9 7.85 -36.92 -15.31
CA PRO C 9 8.19 -37.53 -14.03
C PRO C 9 9.54 -38.25 -14.16
N PHE C 10 10.28 -38.31 -13.07
CA PHE C 10 11.59 -38.95 -13.10
C PHE C 10 11.83 -39.75 -11.83
N GLN C 11 12.46 -40.91 -11.96
CA GLN C 11 12.76 -41.76 -10.82
C GLN C 11 14.27 -41.72 -10.56
N ILE C 12 14.67 -41.63 -9.29
CA ILE C 12 16.08 -41.58 -8.93
C ILE C 12 16.56 -43.00 -8.67
N PRO C 13 17.39 -43.54 -9.57
CA PRO C 13 17.92 -44.89 -9.45
C PRO C 13 19.21 -45.05 -8.66
N SER C 14 20.10 -44.05 -8.73
CA SER C 14 21.37 -44.14 -8.01
C SER C 14 21.46 -43.15 -6.86
N GLY C 15 22.56 -43.21 -6.12
CA GLY C 15 22.75 -42.31 -4.98
C GLY C 15 23.81 -41.24 -5.16
N SER C 16 24.04 -40.83 -6.41
CA SER C 16 25.07 -39.82 -6.66
C SER C 16 24.63 -38.42 -6.22
N MET C 17 23.33 -38.24 -5.98
CA MET C 17 22.81 -36.95 -5.56
C MET C 17 22.40 -36.85 -4.08
N MET C 18 22.78 -37.85 -3.28
CA MET C 18 22.47 -37.86 -1.85
C MET C 18 23.27 -36.72 -1.23
N PRO C 19 22.76 -36.12 -0.14
CA PRO C 19 21.50 -36.47 0.52
C PRO C 19 20.31 -35.76 -0.08
N THR C 20 20.59 -34.84 -1.00
CA THR C 20 19.55 -34.06 -1.65
C THR C 20 18.50 -34.95 -2.31
N LEU C 21 18.96 -35.96 -3.04
CA LEU C 21 18.06 -36.88 -3.71
C LEU C 21 18.48 -38.29 -3.31
N LEU C 22 17.51 -39.10 -2.92
CA LEU C 22 17.77 -40.46 -2.49
C LEU C 22 17.20 -41.47 -3.47
N ILE C 23 17.85 -42.62 -3.57
CA ILE C 23 17.38 -43.70 -4.42
C ILE C 23 15.93 -43.92 -4.00
N GLY C 24 15.02 -43.95 -4.95
CA GLY C 24 13.63 -44.16 -4.59
C GLY C 24 12.77 -42.91 -4.65
N ASP C 25 13.40 -41.75 -4.86
CA ASP C 25 12.62 -40.52 -4.98
C ASP C 25 12.07 -40.42 -6.39
N PHE C 26 10.92 -39.78 -6.50
CA PHE C 26 10.29 -39.51 -7.79
C PHE C 26 10.23 -38.00 -7.87
N ILE C 27 10.92 -37.44 -8.86
CA ILE C 27 10.94 -35.99 -9.01
C ILE C 27 10.15 -35.51 -10.19
N LEU C 28 9.97 -34.19 -10.21
CA LEU C 28 9.25 -33.51 -11.27
C LEU C 28 10.33 -32.73 -12.00
N VAL C 29 10.33 -32.78 -13.32
CA VAL C 29 11.33 -32.07 -14.12
C VAL C 29 10.71 -31.08 -15.10
N GLU C 30 11.28 -29.88 -15.14
CA GLU C 30 10.80 -28.85 -16.03
C GLU C 30 11.77 -28.76 -17.19
N LYS C 31 11.34 -29.21 -18.36
CA LYS C 31 12.21 -29.18 -19.54
C LYS C 31 12.60 -27.76 -19.88
N PHE C 32 13.81 -27.61 -20.42
CA PHE C 32 14.30 -26.29 -20.80
C PHE C 32 13.57 -25.79 -22.05
N ALA C 33 13.19 -26.71 -22.92
CA ALA C 33 12.48 -26.36 -24.14
C ALA C 33 11.00 -26.20 -23.88
N TYR C 34 10.51 -24.97 -24.05
CA TYR C 34 9.09 -24.66 -23.82
C TYR C 34 8.50 -23.91 -25.02
N GLY C 35 7.17 -23.78 -25.04
CA GLY C 35 6.51 -23.09 -26.13
C GLY C 35 5.97 -21.72 -25.80
N ILE C 36 6.03 -20.81 -26.77
CA ILE C 36 5.53 -19.45 -26.61
C ILE C 36 4.58 -19.16 -27.76
N LYS C 37 3.64 -18.24 -27.55
CA LYS C 37 2.68 -17.88 -28.59
C LYS C 37 3.21 -16.73 -29.43
N ASP C 38 3.50 -17.02 -30.69
CA ASP C 38 4.01 -16.03 -31.63
C ASP C 38 3.13 -14.78 -31.68
N PRO C 39 3.74 -13.59 -31.52
CA PRO C 39 3.01 -12.30 -31.54
C PRO C 39 2.24 -11.99 -32.82
N ILE C 40 2.90 -12.12 -33.97
CA ILE C 40 2.26 -11.84 -35.25
C ILE C 40 1.15 -12.86 -35.54
N TYR C 41 1.53 -14.12 -35.65
CA TYR C 41 0.55 -15.19 -35.89
C TYR C 41 0.57 -16.08 -34.64
N GLN C 42 -0.55 -16.14 -33.95
CA GLN C 42 -0.65 -16.94 -32.73
C GLN C 42 -0.40 -18.43 -32.93
N LYS C 43 0.78 -18.75 -33.44
CA LYS C 43 1.20 -20.14 -33.67
C LYS C 43 2.23 -20.48 -32.59
N THR C 44 2.52 -21.77 -32.44
CA THR C 44 3.47 -22.19 -31.41
C THR C 44 4.93 -22.13 -31.83
N LEU C 45 5.73 -21.43 -31.03
CA LEU C 45 7.17 -21.29 -31.26
C LEU C 45 7.90 -21.92 -30.08
N ILE C 46 9.04 -22.56 -30.33
CA ILE C 46 9.79 -23.18 -29.25
C ILE C 46 11.01 -22.38 -28.83
N GLU C 47 11.03 -21.97 -27.56
CA GLU C 47 12.14 -21.22 -26.99
C GLU C 47 12.86 -22.17 -26.04
N THR C 48 14.15 -21.97 -25.85
CA THR C 48 14.90 -22.85 -24.95
C THR C 48 15.64 -22.08 -23.86
N GLY C 49 15.45 -22.51 -22.62
CA GLY C 49 16.10 -21.86 -21.50
C GLY C 49 17.40 -22.54 -21.13
N HIS C 50 18.19 -21.89 -20.27
CA HIS C 50 19.46 -22.42 -19.82
C HIS C 50 19.41 -22.62 -18.31
N PRO C 51 20.18 -23.59 -17.79
CA PRO C 51 20.17 -23.79 -16.35
C PRO C 51 21.01 -22.74 -15.61
N LYS C 52 20.58 -22.39 -14.40
CA LYS C 52 21.33 -21.44 -13.58
C LYS C 52 22.34 -22.27 -12.82
N ARG C 53 23.46 -21.66 -12.43
CA ARG C 53 24.46 -22.40 -11.68
C ARG C 53 23.81 -22.95 -10.42
N GLY C 54 24.08 -24.22 -10.12
CA GLY C 54 23.51 -24.81 -8.93
C GLY C 54 22.26 -25.63 -9.17
N ASP C 55 21.69 -25.53 -10.37
CA ASP C 55 20.48 -26.30 -10.67
C ASP C 55 20.75 -27.80 -10.76
N ILE C 56 19.74 -28.58 -10.41
CA ILE C 56 19.80 -30.02 -10.49
C ILE C 56 19.23 -30.28 -11.87
N VAL C 57 20.06 -30.82 -12.74
CA VAL C 57 19.69 -31.04 -14.13
C VAL C 57 19.69 -32.47 -14.65
N VAL C 58 18.68 -32.79 -15.45
CA VAL C 58 18.58 -34.10 -16.07
C VAL C 58 19.15 -33.87 -17.47
N PHE C 59 20.08 -34.72 -17.89
CA PHE C 59 20.71 -34.56 -19.19
C PHE C 59 21.11 -35.89 -19.82
N LYS C 60 21.23 -35.90 -21.13
CA LYS C 60 21.62 -37.10 -21.85
C LYS C 60 23.13 -37.26 -21.68
N TYR C 61 23.54 -38.45 -21.24
CA TYR C 61 24.96 -38.75 -21.04
C TYR C 61 25.68 -38.52 -22.37
N PRO C 62 26.75 -37.72 -22.36
CA PRO C 62 27.50 -37.45 -23.60
C PRO C 62 28.04 -38.68 -24.34
N GLU C 63 28.89 -39.47 -23.69
CA GLU C 63 29.46 -40.66 -24.32
C GLU C 63 28.43 -41.73 -24.71
N ASP C 64 27.32 -41.76 -24.00
CA ASP C 64 26.27 -42.75 -24.27
C ASP C 64 24.92 -42.07 -24.09
N PRO C 65 24.53 -41.22 -25.06
CA PRO C 65 23.26 -40.49 -25.01
C PRO C 65 22.00 -41.34 -24.84
N LYS C 66 22.18 -42.64 -24.63
CA LYS C 66 21.04 -43.53 -24.45
C LYS C 66 20.59 -43.39 -23.00
N LEU C 67 21.53 -43.01 -22.13
CA LEU C 67 21.28 -42.86 -20.71
C LEU C 67 20.97 -41.44 -20.20
N ASP C 68 20.04 -41.36 -19.25
CA ASP C 68 19.68 -40.09 -18.64
C ASP C 68 20.45 -39.99 -17.33
N TYR C 69 21.06 -38.84 -17.09
CA TYR C 69 21.81 -38.60 -15.87
C TYR C 69 21.22 -37.41 -15.12
N ILE C 70 21.48 -37.34 -13.82
CA ILE C 70 21.00 -36.22 -13.03
C ILE C 70 22.12 -35.76 -12.11
N LYS C 71 22.53 -34.51 -12.28
CA LYS C 71 23.63 -33.92 -11.50
C LYS C 71 23.32 -32.45 -11.25
N ARG C 72 24.20 -31.81 -10.49
CA ARG C 72 24.06 -30.39 -10.20
C ARG C 72 24.97 -29.64 -11.19
N ALA C 73 24.39 -28.64 -11.87
CA ALA C 73 25.15 -27.84 -12.84
C ALA C 73 26.01 -26.87 -12.06
N VAL C 74 27.24 -27.27 -11.85
CA VAL C 74 28.20 -26.49 -11.09
C VAL C 74 29.00 -25.47 -11.92
N GLY C 75 29.35 -25.85 -13.14
CA GLY C 75 30.12 -24.95 -13.99
C GLY C 75 29.39 -24.49 -15.25
N LEU C 76 29.10 -23.20 -15.31
CA LEU C 76 28.41 -22.61 -16.46
C LEU C 76 29.46 -22.26 -17.51
N PRO C 77 29.04 -22.11 -18.78
CA PRO C 77 30.00 -21.78 -19.84
C PRO C 77 30.88 -20.57 -19.53
N GLY C 78 32.18 -20.74 -19.71
CA GLY C 78 33.11 -19.67 -19.42
C GLY C 78 33.73 -19.79 -18.05
N ASP C 79 33.07 -20.53 -17.15
CA ASP C 79 33.58 -20.72 -15.79
C ASP C 79 34.88 -21.48 -15.77
N LYS C 80 35.77 -21.13 -14.85
CA LYS C 80 37.03 -21.85 -14.69
C LYS C 80 36.81 -22.64 -13.40
N VAL C 81 36.70 -23.95 -13.54
CA VAL C 81 36.44 -24.81 -12.42
C VAL C 81 37.68 -25.52 -11.92
N THR C 82 37.84 -25.53 -10.60
CA THR C 82 38.96 -26.19 -9.96
C THR C 82 38.48 -26.98 -8.74
N TYR C 83 38.89 -28.23 -8.70
CA TYR C 83 38.52 -29.11 -7.61
C TYR C 83 39.76 -29.58 -6.87
N ASP C 84 39.80 -29.33 -5.56
CA ASP C 84 40.93 -29.77 -4.73
C ASP C 84 40.58 -31.14 -4.15
N PRO C 85 41.25 -32.20 -4.65
CA PRO C 85 41.02 -33.59 -4.20
C PRO C 85 41.11 -33.71 -2.69
N VAL C 86 42.08 -33.00 -2.11
CA VAL C 86 42.34 -33.02 -0.68
C VAL C 86 41.22 -32.42 0.17
N SER C 87 40.87 -31.16 -0.06
CA SER C 87 39.82 -30.53 0.73
C SER C 87 38.42 -30.85 0.20
N LYS C 88 38.35 -31.38 -1.02
CA LYS C 88 37.08 -31.70 -1.66
C LYS C 88 36.21 -30.46 -1.75
N GLU C 89 36.80 -29.39 -2.27
CA GLU C 89 36.12 -28.10 -2.43
C GLU C 89 36.33 -27.54 -3.84
N LEU C 90 35.32 -26.84 -4.33
CA LEU C 90 35.38 -26.25 -5.65
C LEU C 90 35.77 -24.78 -5.66
N THR C 91 36.40 -24.36 -6.75
CA THR C 91 36.77 -22.97 -6.96
C THR C 91 36.20 -22.61 -8.34
N ILE C 92 35.29 -21.65 -8.37
CA ILE C 92 34.65 -21.21 -9.61
C ILE C 92 35.10 -19.80 -10.02
N GLN C 93 35.49 -19.63 -11.27
CA GLN C 93 35.91 -18.32 -11.79
C GLN C 93 35.16 -17.98 -13.07
N PRO C 94 34.06 -17.22 -12.97
CA PRO C 94 33.24 -16.80 -14.10
C PRO C 94 34.04 -16.07 -15.17
N GLY C 95 33.82 -16.42 -16.43
CA GLY C 95 34.55 -15.79 -17.51
C GLY C 95 36.04 -16.03 -17.35
N CYS C 96 36.64 -16.77 -18.27
CA CYS C 96 38.06 -17.06 -18.20
C CYS C 96 38.51 -17.96 -19.34
N SER C 97 37.74 -17.95 -20.43
CA SER C 97 38.07 -18.77 -21.58
C SER C 97 39.41 -18.39 -22.19
N SER C 98 39.85 -17.17 -21.91
CA SER C 98 41.12 -16.71 -22.45
C SER C 98 42.27 -17.54 -21.95
N ASN C 104 37.51 -13.04 -12.24
CA ASN C 104 36.44 -13.55 -11.42
C ASN C 104 36.93 -14.23 -10.17
N ALA C 105 35.97 -14.71 -9.35
CA ALA C 105 36.31 -15.40 -8.11
C ALA C 105 35.03 -15.65 -7.32
N LEU C 106 34.16 -16.50 -7.88
CA LEU C 106 32.89 -16.81 -7.23
C LEU C 106 33.05 -17.20 -5.77
N PRO C 107 32.20 -16.64 -4.90
CA PRO C 107 32.27 -16.95 -3.47
C PRO C 107 31.68 -18.33 -3.15
N VAL C 108 32.57 -19.30 -2.91
CA VAL C 108 32.16 -20.66 -2.58
C VAL C 108 32.58 -20.94 -1.15
N THR C 109 31.61 -21.13 -0.27
CA THR C 109 31.90 -21.39 1.14
C THR C 109 31.32 -22.70 1.65
N TYR C 110 32.06 -23.35 2.55
CA TYR C 110 31.65 -24.63 3.12
C TYR C 110 31.42 -24.58 4.63
N SER C 111 30.36 -25.23 5.10
CA SER C 111 30.07 -25.27 6.52
C SER C 111 30.97 -26.32 7.16
N ASN C 112 30.81 -26.57 8.45
CA ASN C 112 31.64 -27.54 9.14
C ASN C 112 31.25 -28.99 8.83
N VAL C 113 32.24 -29.83 8.57
CA VAL C 113 31.96 -31.23 8.30
C VAL C 113 31.26 -31.85 9.51
N GLU C 114 30.21 -32.63 9.25
CA GLU C 114 29.46 -33.27 10.32
C GLU C 114 29.08 -34.69 9.90
N PRO C 115 29.01 -35.63 10.86
CA PRO C 115 28.64 -36.99 10.47
C PRO C 115 27.22 -37.00 9.90
N SER C 116 27.03 -37.70 8.79
CA SER C 116 25.70 -37.75 8.18
C SER C 116 24.89 -38.90 8.75
N ASP C 117 23.66 -39.03 8.29
CA ASP C 117 22.82 -40.12 8.77
C ASP C 117 23.02 -41.37 7.92
N PHE C 118 23.99 -41.35 7.01
CA PHE C 118 24.24 -42.49 6.13
C PHE C 118 25.56 -43.20 6.30
N VAL C 119 25.51 -44.52 6.20
CA VAL C 119 26.70 -45.35 6.29
C VAL C 119 26.84 -46.11 4.97
N GLN C 120 28.06 -46.19 4.45
CA GLN C 120 28.30 -46.90 3.21
C GLN C 120 29.10 -48.18 3.47
N THR C 121 28.51 -49.32 3.13
CA THR C 121 29.15 -50.60 3.33
C THR C 121 29.91 -51.04 2.08
N PHE C 122 31.01 -51.75 2.29
CA PHE C 122 31.83 -52.24 1.19
C PHE C 122 31.60 -53.72 0.94
N SER C 123 31.73 -54.11 -0.32
CA SER C 123 31.57 -55.51 -0.70
C SER C 123 32.95 -56.15 -0.59
N ARG C 124 33.04 -57.25 0.14
CA ARG C 124 34.32 -57.93 0.31
C ARG C 124 34.62 -58.88 -0.83
N ARG C 125 35.46 -59.88 -0.53
CA ARG C 125 35.83 -60.84 -1.55
C ARG C 125 37.26 -60.65 -1.99
N ASN C 126 38.10 -61.66 -1.75
CA ASN C 126 39.50 -61.56 -2.13
C ASN C 126 40.17 -60.48 -1.31
N GLY C 127 39.50 -60.05 -0.25
CA GLY C 127 40.06 -59.02 0.62
C GLY C 127 40.07 -57.63 0.00
N GLY C 128 39.26 -57.42 -1.03
CA GLY C 128 39.20 -56.12 -1.69
C GLY C 128 37.96 -55.35 -1.29
N GLU C 129 37.76 -54.19 -1.91
CA GLU C 129 36.59 -53.38 -1.61
C GLU C 129 35.78 -53.08 -2.86
N ALA C 130 34.47 -53.00 -2.71
CA ALA C 130 33.60 -52.73 -3.85
C ALA C 130 32.54 -51.67 -3.56
N THR C 131 31.54 -52.03 -2.75
CA THR C 131 30.48 -51.08 -2.42
C THR C 131 29.12 -51.75 -2.43
N SER C 132 28.69 -52.21 -1.26
CA SER C 132 27.42 -52.90 -1.14
C SER C 132 26.18 -52.02 -0.90
N GLY C 133 26.36 -50.70 -0.83
CA GLY C 133 25.21 -49.85 -0.62
C GLY C 133 25.27 -48.75 0.42
N PHE C 134 24.13 -48.06 0.57
CA PHE C 134 23.99 -46.96 1.49
C PHE C 134 22.88 -47.29 2.49
N PHE C 135 23.13 -47.05 3.78
CA PHE C 135 22.13 -47.31 4.80
C PHE C 135 22.05 -46.17 5.79
N GLU C 136 20.84 -45.89 6.24
CA GLU C 136 20.63 -44.86 7.23
C GLU C 136 20.80 -45.63 8.54
N VAL C 137 21.80 -45.23 9.32
CA VAL C 137 22.08 -45.90 10.58
C VAL C 137 22.18 -44.92 11.74
N PRO C 138 21.49 -45.22 12.85
CA PRO C 138 21.57 -44.32 14.01
C PRO C 138 23.03 -43.93 14.23
N LYS C 139 23.28 -42.66 14.52
CA LYS C 139 24.65 -42.19 14.70
C LYS C 139 25.40 -42.81 15.88
N ASN C 140 24.74 -43.65 16.67
CA ASN C 140 25.37 -44.31 17.81
C ASN C 140 25.60 -45.79 17.51
N GLU C 141 25.44 -46.16 16.25
CA GLU C 141 25.63 -47.55 15.83
C GLU C 141 26.57 -47.59 14.63
N THR C 142 26.97 -48.79 14.24
CA THR C 142 27.87 -48.96 13.10
C THR C 142 27.52 -50.24 12.34
N LYS C 143 28.20 -50.45 11.23
CA LYS C 143 28.04 -51.63 10.40
C LYS C 143 29.44 -52.13 10.07
N GLU C 144 29.61 -53.45 10.03
CA GLU C 144 30.92 -54.01 9.73
C GLU C 144 31.21 -53.76 8.25
N ASN C 145 32.46 -53.42 7.96
CA ASN C 145 32.88 -53.12 6.59
C ASN C 145 32.08 -51.94 6.06
N GLY C 146 31.86 -50.96 6.94
CA GLY C 146 31.11 -49.79 6.55
C GLY C 146 31.84 -48.56 7.05
N ILE C 147 31.57 -47.42 6.41
CA ILE C 147 32.20 -46.17 6.79
C ILE C 147 31.10 -45.13 6.95
N ARG C 148 31.24 -44.30 7.99
CA ARG C 148 30.25 -43.25 8.23
C ARG C 148 30.53 -42.14 7.25
N LEU C 149 29.50 -41.68 6.55
CA LEU C 149 29.70 -40.61 5.59
C LEU C 149 29.51 -39.25 6.27
N SER C 150 30.30 -38.26 5.87
CA SER C 150 30.20 -36.92 6.42
C SER C 150 29.27 -36.07 5.55
N GLU C 151 28.74 -35.01 6.13
CA GLU C 151 27.83 -34.12 5.43
C GLU C 151 28.22 -32.69 5.72
N ARG C 152 27.92 -31.80 4.78
CA ARG C 152 28.25 -30.40 4.97
C ARG C 152 27.50 -29.59 3.92
N LYS C 153 27.46 -28.28 4.09
CA LYS C 153 26.77 -27.43 3.15
C LYS C 153 27.75 -26.68 2.26
N GLU C 154 27.43 -26.60 0.97
CA GLU C 154 28.25 -25.91 0.01
C GLU C 154 27.43 -24.77 -0.60
N THR C 155 27.99 -23.57 -0.57
CA THR C 155 27.31 -22.41 -1.14
C THR C 155 28.00 -21.96 -2.40
N LEU C 156 27.31 -22.11 -3.54
CA LEU C 156 27.83 -21.71 -4.83
C LEU C 156 27.16 -20.40 -5.17
N GLY C 157 27.85 -19.29 -4.91
CA GLY C 157 27.27 -17.99 -5.20
C GLY C 157 26.08 -17.74 -4.30
N ASP C 158 24.88 -17.87 -4.86
CA ASP C 158 23.67 -17.64 -4.08
C ASP C 158 22.89 -18.93 -3.82
N VAL C 159 23.49 -20.06 -4.17
CA VAL C 159 22.84 -21.35 -3.95
C VAL C 159 23.60 -22.22 -2.96
N THR C 160 22.88 -22.67 -1.95
CA THR C 160 23.43 -23.51 -0.89
C THR C 160 22.79 -24.88 -0.92
N HIS C 161 23.62 -25.92 -0.87
CA HIS C 161 23.08 -27.28 -0.89
C HIS C 161 24.02 -28.18 -0.08
N ARG C 162 23.54 -29.35 0.31
CA ARG C 162 24.36 -30.28 1.05
C ARG C 162 25.12 -31.22 0.12
N ILE C 163 26.12 -31.89 0.68
CA ILE C 163 26.92 -32.87 -0.03
C ILE C 163 27.38 -33.92 0.98
N LEU C 164 27.71 -35.10 0.48
CA LEU C 164 28.23 -36.16 1.32
C LEU C 164 29.65 -36.44 0.88
N THR C 165 30.49 -36.78 1.83
CA THR C 165 31.88 -37.11 1.54
C THR C 165 32.19 -38.39 2.27
N VAL C 166 33.05 -39.20 1.67
CA VAL C 166 33.50 -40.45 2.25
C VAL C 166 34.86 -40.09 2.81
N PRO C 167 34.95 -39.99 4.14
CA PRO C 167 36.17 -39.63 4.88
C PRO C 167 37.41 -40.41 4.46
N ILE C 168 37.23 -41.70 4.23
CA ILE C 168 38.33 -42.58 3.85
C ILE C 168 38.67 -42.56 2.36
N ALA C 169 37.88 -41.85 1.57
CA ALA C 169 38.08 -41.78 0.12
C ALA C 169 38.74 -40.51 -0.40
N GLN C 170 39.37 -40.63 -1.57
CA GLN C 170 40.02 -39.51 -2.23
C GLN C 170 40.12 -39.76 -3.74
N ASP C 171 39.78 -38.75 -4.53
CA ASP C 171 39.84 -38.88 -5.99
C ASP C 171 41.26 -39.11 -6.49
N GLN C 172 41.39 -39.96 -7.50
CA GLN C 172 42.70 -40.20 -8.11
C GLN C 172 42.76 -39.29 -9.32
N VAL C 173 43.34 -38.10 -9.10
CA VAL C 173 43.49 -37.08 -10.12
C VAL C 173 43.75 -37.59 -11.54
N GLY C 174 44.47 -38.71 -11.65
CA GLY C 174 44.79 -39.28 -12.94
C GLY C 174 43.63 -39.89 -13.71
N MET C 175 42.55 -40.23 -13.00
CA MET C 175 41.38 -40.80 -13.66
C MET C 175 40.50 -39.69 -14.23
N TYR C 176 40.86 -38.45 -13.94
CA TYR C 176 40.10 -37.30 -14.41
C TYR C 176 40.19 -37.09 -15.91
N TYR C 177 39.20 -36.38 -16.44
CA TYR C 177 39.21 -36.04 -17.85
C TYR C 177 40.18 -34.86 -17.88
N GLN C 178 41.26 -35.01 -18.64
CA GLN C 178 42.25 -33.95 -18.74
C GLN C 178 41.94 -33.09 -19.97
N GLN C 179 41.54 -31.84 -19.73
CA GLN C 179 41.24 -30.94 -20.83
C GLN C 179 42.57 -30.51 -21.46
N PRO C 180 42.68 -30.54 -22.79
CA PRO C 180 43.95 -30.13 -23.40
C PRO C 180 44.35 -28.70 -23.03
N GLY C 181 45.62 -28.52 -22.70
CA GLY C 181 46.08 -27.19 -22.33
C GLY C 181 45.85 -26.91 -20.85
N GLN C 182 45.23 -27.85 -20.17
CA GLN C 182 44.93 -27.69 -18.76
C GLN C 182 45.54 -28.79 -17.91
N GLN C 183 45.94 -28.44 -16.70
CA GLN C 183 46.49 -29.42 -15.78
C GLN C 183 45.31 -30.14 -15.16
N LEU C 184 45.59 -31.23 -14.44
CA LEU C 184 44.54 -31.99 -13.82
C LEU C 184 43.78 -31.21 -12.73
N ALA C 185 42.49 -31.49 -12.61
CA ALA C 185 41.62 -30.88 -11.59
C ALA C 185 41.19 -29.44 -11.86
N THR C 186 41.48 -28.95 -13.06
CA THR C 186 41.11 -27.60 -13.44
C THR C 186 40.46 -27.68 -14.81
N TRP C 187 39.38 -26.93 -15.00
CA TRP C 187 38.65 -26.95 -16.26
C TRP C 187 38.05 -25.61 -16.63
N ILE C 188 37.97 -25.34 -17.94
CA ILE C 188 37.38 -24.12 -18.47
C ILE C 188 36.20 -24.57 -19.32
N VAL C 189 35.00 -24.31 -18.82
CA VAL C 189 33.79 -24.72 -19.51
C VAL C 189 33.60 -24.04 -20.87
N PRO C 190 33.61 -24.84 -21.95
CA PRO C 190 33.44 -24.33 -23.31
C PRO C 190 32.12 -23.58 -23.46
N PRO C 191 31.97 -22.83 -24.56
CA PRO C 191 30.71 -22.10 -24.74
C PRO C 191 29.56 -23.10 -24.91
N GLY C 192 28.36 -22.70 -24.49
CA GLY C 192 27.20 -23.58 -24.60
C GLY C 192 27.33 -24.94 -23.92
N GLN C 193 28.17 -25.05 -22.90
CA GLN C 193 28.33 -26.32 -22.21
C GLN C 193 28.32 -26.18 -20.70
N TYR C 194 28.24 -27.31 -20.00
CA TYR C 194 28.19 -27.25 -18.55
C TYR C 194 29.02 -28.31 -17.85
N PHE C 195 29.46 -27.98 -16.65
CA PHE C 195 30.25 -28.88 -15.82
C PHE C 195 29.33 -29.42 -14.71
N MET C 196 29.13 -30.73 -14.72
CA MET C 196 28.25 -31.39 -13.78
C MET C 196 28.97 -32.15 -12.66
N MET C 197 28.38 -32.12 -11.47
CA MET C 197 28.90 -32.85 -10.33
C MET C 197 27.79 -33.31 -9.40
N GLY C 198 27.97 -34.49 -8.81
CA GLY C 198 26.97 -35.02 -7.90
C GLY C 198 27.25 -34.65 -6.45
N ASP C 199 26.17 -34.43 -5.68
CA ASP C 199 26.26 -34.07 -4.26
C ASP C 199 26.93 -35.14 -3.41
N ASN C 200 26.80 -36.41 -3.80
CA ASN C 200 27.43 -37.50 -3.06
C ASN C 200 28.78 -37.57 -3.76
N ARG C 201 29.57 -36.54 -3.55
CA ARG C 201 30.86 -36.31 -4.16
C ARG C 201 31.86 -37.41 -4.40
N ASP C 202 31.94 -38.39 -3.51
CA ASP C 202 32.89 -39.48 -3.70
C ASP C 202 32.23 -40.68 -4.38
N ASN C 203 30.91 -40.59 -4.58
CA ASN C 203 30.13 -41.65 -5.21
C ASN C 203 29.41 -41.10 -6.43
N SER C 204 30.14 -40.38 -7.27
CA SER C 204 29.53 -39.77 -8.43
C SER C 204 30.44 -39.66 -9.65
N ALA C 205 30.04 -40.36 -10.70
CA ALA C 205 30.78 -40.34 -11.96
C ALA C 205 30.24 -39.12 -12.73
N ASP C 206 30.94 -38.00 -12.64
CA ASP C 206 30.48 -36.79 -13.31
C ASP C 206 31.53 -36.16 -14.21
N SER C 207 31.36 -34.85 -14.47
CA SER C 207 32.26 -34.11 -15.34
C SER C 207 33.75 -34.36 -15.08
N ARG C 208 34.11 -34.56 -13.81
CA ARG C 208 35.52 -34.80 -13.46
C ARG C 208 36.12 -35.94 -14.26
N TYR C 209 35.29 -36.94 -14.55
CA TYR C 209 35.75 -38.12 -15.26
C TYR C 209 35.46 -38.16 -16.77
N TRP C 210 34.28 -37.68 -17.16
CA TRP C 210 33.93 -37.72 -18.58
C TRP C 210 33.71 -36.40 -19.33
N GLY C 211 34.17 -35.28 -18.76
CA GLY C 211 34.04 -34.02 -19.46
C GLY C 211 32.78 -33.19 -19.32
N PHE C 212 32.59 -32.28 -20.28
CA PHE C 212 31.47 -31.35 -20.29
C PHE C 212 30.16 -31.86 -20.89
N VAL C 213 29.10 -31.10 -20.69
CA VAL C 213 27.79 -31.47 -21.21
C VAL C 213 27.26 -30.39 -22.15
N PRO C 214 27.08 -30.73 -23.44
CA PRO C 214 26.57 -29.78 -24.42
C PRO C 214 25.16 -29.30 -24.12
N GLU C 215 24.89 -28.06 -24.47
CA GLU C 215 23.58 -27.45 -24.26
C GLU C 215 22.48 -28.36 -24.83
N ALA C 216 22.81 -29.09 -25.90
CA ALA C 216 21.84 -29.96 -26.56
C ALA C 216 21.45 -31.24 -25.83
N ASN C 217 22.28 -31.68 -24.88
CA ASN C 217 21.96 -32.89 -24.12
C ASN C 217 21.10 -32.60 -22.90
N LEU C 218 20.95 -31.33 -22.56
CA LEU C 218 20.13 -30.94 -21.40
C LEU C 218 18.66 -31.27 -21.61
N VAL C 219 18.05 -31.93 -20.62
CA VAL C 219 16.63 -32.24 -20.72
C VAL C 219 15.82 -31.21 -19.93
N GLY C 220 16.14 -31.06 -18.65
CA GLY C 220 15.43 -30.12 -17.80
C GLY C 220 16.02 -30.02 -16.42
N ARG C 221 15.32 -29.33 -15.52
CA ARG C 221 15.80 -29.19 -14.16
C ARG C 221 14.77 -29.77 -13.20
N ALA C 222 15.25 -30.30 -12.08
CA ALA C 222 14.37 -30.88 -11.09
C ALA C 222 13.73 -29.76 -10.29
N THR C 223 12.42 -29.83 -10.10
CA THR C 223 11.71 -28.79 -9.38
C THR C 223 11.10 -29.25 -8.06
N ALA C 224 10.87 -30.55 -7.93
CA ALA C 224 10.25 -31.07 -6.72
C ALA C 224 10.30 -32.58 -6.65
N ILE C 225 9.86 -33.10 -5.50
CA ILE C 225 9.77 -34.52 -5.24
C ILE C 225 8.28 -34.76 -5.02
N TRP C 226 7.63 -35.46 -5.95
CA TRP C 226 6.20 -35.71 -5.80
C TRP C 226 5.90 -37.06 -5.17
N MET C 227 6.94 -37.85 -4.94
CA MET C 227 6.76 -39.18 -4.35
C MET C 227 8.10 -39.80 -3.96
N SER C 228 8.07 -40.76 -3.05
CA SER C 228 9.31 -41.42 -2.61
C SER C 228 9.08 -42.79 -1.98
N PHE C 229 9.85 -43.77 -2.44
CA PHE C 229 9.77 -45.16 -1.95
C PHE C 229 11.15 -45.62 -1.47
N ASP C 230 11.19 -46.26 -0.30
CA ASP C 230 12.47 -46.76 0.20
C ASP C 230 12.62 -48.24 -0.10
N LEU C 240 8.10 -45.98 1.53
CA LEU C 240 7.04 -45.01 1.32
C LEU C 240 7.26 -43.77 2.20
N ARG C 241 8.22 -42.93 1.81
CA ARG C 241 8.60 -41.73 2.55
C ARG C 241 7.88 -40.44 2.16
N LEU C 242 6.66 -40.26 2.65
CA LEU C 242 5.87 -39.06 2.37
C LEU C 242 6.55 -37.77 2.88
N SER C 243 7.40 -37.91 3.88
CA SER C 243 8.09 -36.75 4.44
C SER C 243 9.06 -36.09 3.44
N ARG C 244 9.38 -36.78 2.35
CA ARG C 244 10.30 -36.21 1.37
C ARG C 244 9.57 -35.50 0.24
N ILE C 245 8.25 -35.57 0.25
CA ILE C 245 7.49 -34.89 -0.78
C ILE C 245 7.55 -33.38 -0.59
N GLY C 246 7.83 -32.66 -1.68
CA GLY C 246 7.90 -31.21 -1.61
C GLY C 246 9.09 -30.65 -2.34
N GLY C 247 9.72 -29.64 -1.74
CA GLY C 247 10.87 -29.00 -2.37
C GLY C 247 12.15 -29.81 -2.26
N ILE C 248 13.10 -29.52 -3.14
CA ILE C 248 14.36 -30.24 -3.10
C ILE C 248 15.37 -29.50 -2.23
N HIS C 249 15.97 -30.26 -1.32
CA HIS C 249 16.96 -29.77 -0.36
C HIS C 249 18.11 -29.02 -1.02
N SER D 4 -4.29 31.26 29.62
CA SER D 4 -5.05 32.53 29.80
C SER D 4 -5.48 33.10 28.44
N PHE D 5 -6.38 32.39 27.78
CA PHE D 5 -6.88 32.81 26.46
C PHE D 5 -8.06 33.76 26.58
N ILE D 6 -7.90 34.97 26.08
CA ILE D 6 -8.96 35.95 26.11
C ILE D 6 -9.56 36.18 24.71
N TYR D 7 -10.86 35.94 24.60
CA TYR D 7 -11.58 36.13 23.34
C TYR D 7 -11.94 37.61 23.23
N GLU D 8 -11.20 38.34 22.40
CA GLU D 8 -11.46 39.77 22.22
C GLU D 8 -12.88 40.07 21.74
N PRO D 9 -13.63 40.83 22.54
CA PRO D 9 -15.02 41.22 22.25
C PRO D 9 -15.16 42.29 21.17
N PHE D 10 -14.07 42.98 20.85
CA PHE D 10 -14.14 44.02 19.82
C PHE D 10 -13.42 43.62 18.54
N GLN D 11 -14.13 43.74 17.42
CA GLN D 11 -13.59 43.39 16.11
C GLN D 11 -12.32 44.18 15.79
N ILE D 12 -11.46 43.56 14.98
CA ILE D 12 -10.22 44.18 14.54
C ILE D 12 -10.64 45.37 13.67
N PRO D 13 -10.19 46.59 14.02
CA PRO D 13 -10.53 47.81 13.29
C PRO D 13 -9.79 48.14 11.99
N SER D 14 -8.53 47.73 11.84
CA SER D 14 -7.81 48.06 10.62
C SER D 14 -7.46 46.85 9.74
N GLY D 15 -7.07 47.14 8.51
CA GLY D 15 -6.72 46.09 7.58
C GLY D 15 -5.23 45.84 7.44
N SER D 16 -4.41 46.43 8.29
CA SER D 16 -2.97 46.25 8.18
C SER D 16 -2.48 44.80 8.24
N MET D 17 -3.36 43.87 8.61
CA MET D 17 -2.94 42.46 8.67
C MET D 17 -3.60 41.56 7.63
N MET D 18 -4.33 42.17 6.71
CA MET D 18 -4.98 41.41 5.65
C MET D 18 -3.87 40.64 4.90
N PRO D 19 -4.19 39.43 4.40
CA PRO D 19 -5.49 38.78 4.51
C PRO D 19 -5.56 37.88 5.73
N THR D 20 -4.49 37.85 6.52
CA THR D 20 -4.46 37.02 7.73
C THR D 20 -5.60 37.44 8.67
N LEU D 21 -5.68 38.73 8.93
CA LEU D 21 -6.72 39.31 9.78
C LEU D 21 -7.48 40.37 9.00
N LEU D 22 -8.81 40.32 9.06
CA LEU D 22 -9.65 41.27 8.36
C LEU D 22 -10.48 42.12 9.32
N ILE D 23 -10.80 43.33 8.87
CA ILE D 23 -11.63 44.22 9.66
C ILE D 23 -12.91 43.44 9.87
N GLY D 24 -13.33 43.30 11.13
CA GLY D 24 -14.54 42.53 11.39
C GLY D 24 -14.24 41.21 12.09
N ASP D 25 -12.98 40.78 12.07
CA ASP D 25 -12.60 39.56 12.75
C ASP D 25 -12.55 39.81 14.24
N PHE D 26 -12.79 38.77 15.01
CA PHE D 26 -12.73 38.82 16.46
C PHE D 26 -11.67 37.75 16.74
N ILE D 27 -10.57 38.19 17.33
CA ILE D 27 -9.47 37.27 17.62
C ILE D 27 -9.44 36.74 19.05
N LEU D 28 -8.79 35.59 19.18
CA LEU D 28 -8.60 34.93 20.45
C LEU D 28 -7.15 35.24 20.77
N VAL D 29 -6.89 35.85 21.93
CA VAL D 29 -5.52 36.19 22.29
C VAL D 29 -4.99 35.44 23.52
N GLU D 30 -3.78 34.94 23.40
CA GLU D 30 -3.11 34.23 24.49
C GLU D 30 -2.14 35.23 25.12
N LYS D 31 -2.51 35.76 26.28
CA LYS D 31 -1.69 36.75 26.99
C LYS D 31 -0.19 36.48 26.98
N PHE D 32 0.22 35.26 27.34
CA PHE D 32 1.64 34.93 27.36
C PHE D 32 1.87 33.46 27.68
N PRO D 51 8.58 35.82 22.40
CA PRO D 51 7.90 35.55 21.14
C PRO D 51 8.86 35.11 20.04
N LYS D 52 8.42 34.15 19.24
CA LYS D 52 9.24 33.63 18.14
C LYS D 52 9.15 34.49 16.88
N ARG D 53 10.00 34.18 15.91
CA ARG D 53 10.05 34.90 14.64
C ARG D 53 8.75 34.65 13.87
N GLY D 54 8.04 35.73 13.54
CA GLY D 54 6.81 35.60 12.78
C GLY D 54 5.47 35.51 13.51
N ASP D 55 5.47 35.63 14.83
CA ASP D 55 4.22 35.57 15.58
C ASP D 55 3.38 36.81 15.37
N ILE D 56 2.07 36.65 15.47
CA ILE D 56 1.14 37.75 15.33
C ILE D 56 0.97 38.27 16.76
N VAL D 57 1.55 39.44 17.02
CA VAL D 57 1.52 40.03 18.36
C VAL D 57 0.63 41.25 18.59
N VAL D 58 -0.04 41.24 19.75
CA VAL D 58 -0.88 42.35 20.17
C VAL D 58 -0.04 43.06 21.20
N PHE D 59 0.24 44.34 20.98
CA PHE D 59 1.08 45.09 21.90
C PHE D 59 0.53 46.46 22.21
N LYS D 60 1.13 47.12 23.20
CA LYS D 60 0.71 48.45 23.60
C LYS D 60 0.92 49.38 22.41
N TYR D 61 2.08 50.01 22.34
CA TYR D 61 2.40 50.94 21.25
C TYR D 61 3.57 51.83 21.66
N GLU D 63 4.57 55.14 21.93
CA GLU D 63 4.07 56.31 21.24
C GLU D 63 2.65 56.66 21.64
N ASP D 64 2.04 55.85 22.52
CA ASP D 64 0.69 56.09 22.96
C ASP D 64 0.00 54.81 23.38
N PRO D 65 0.43 54.20 24.51
CA PRO D 65 -0.11 52.95 25.07
C PRO D 65 -1.63 52.87 25.21
N LYS D 66 -2.31 53.98 24.98
CA LYS D 66 -3.77 54.02 25.10
C LYS D 66 -4.48 53.01 24.20
N LEU D 67 -3.88 52.69 23.06
CA LEU D 67 -4.50 51.74 22.15
C LEU D 67 -3.66 50.51 21.89
N ASP D 68 -4.33 49.41 21.53
CA ASP D 68 -3.63 48.16 21.24
C ASP D 68 -3.56 47.85 19.74
N TYR D 69 -2.37 47.42 19.31
CA TYR D 69 -2.13 47.09 17.91
C TYR D 69 -1.82 45.62 17.69
N ILE D 70 -1.97 45.18 16.44
CA ILE D 70 -1.68 43.82 16.06
C ILE D 70 -0.81 43.87 14.81
N LYS D 71 0.38 43.29 14.92
CA LYS D 71 1.33 43.25 13.82
C LYS D 71 2.04 41.92 13.91
N ARG D 72 2.98 41.69 12.99
CA ARG D 72 3.75 40.47 12.99
C ARG D 72 5.19 40.80 13.36
N ALA D 73 5.72 40.06 14.33
CA ALA D 73 7.08 40.27 14.80
C ALA D 73 8.04 39.63 13.80
N VAL D 74 8.63 40.45 12.93
CA VAL D 74 9.53 39.94 11.91
C VAL D 74 10.98 40.05 12.33
N GLY D 75 11.24 41.01 13.22
CA GLY D 75 12.59 41.22 13.70
C GLY D 75 12.70 41.05 15.20
N LEU D 76 13.65 40.21 15.63
CA LEU D 76 13.89 39.94 17.05
C LEU D 76 15.10 40.74 17.55
N PRO D 77 15.27 40.86 18.88
CA PRO D 77 16.41 41.60 19.44
C PRO D 77 17.73 41.23 18.77
N GLY D 78 18.46 42.26 18.33
CA GLY D 78 19.74 42.04 17.68
C GLY D 78 19.70 41.87 16.17
N ASP D 79 18.55 41.46 15.63
CA ASP D 79 18.41 41.26 14.19
C ASP D 79 18.69 42.49 13.34
N LYS D 80 19.35 42.28 12.21
CA LYS D 80 19.59 43.37 11.29
C LYS D 80 18.47 43.18 10.27
N VAL D 81 17.55 44.14 10.22
CA VAL D 81 16.44 44.06 9.29
C VAL D 81 16.60 45.08 8.18
N THR D 82 16.43 44.62 6.95
CA THR D 82 16.53 45.49 5.79
C THR D 82 15.24 45.31 4.98
N TYR D 83 14.69 46.40 4.46
CA TYR D 83 13.49 46.28 3.63
C TYR D 83 13.69 46.89 2.26
N ASP D 84 13.40 46.12 1.23
CA ASP D 84 13.54 46.58 -0.14
C ASP D 84 12.22 47.23 -0.60
N PRO D 85 12.16 48.55 -0.60
CA PRO D 85 10.98 49.32 -1.00
C PRO D 85 10.42 48.96 -2.38
N VAL D 86 11.30 48.60 -3.31
CA VAL D 86 10.89 48.28 -4.67
C VAL D 86 10.32 46.89 -4.88
N SER D 87 10.99 45.88 -4.34
CA SER D 87 10.52 44.50 -4.50
C SER D 87 9.59 44.14 -3.35
N LYS D 88 9.59 44.99 -2.32
CA LYS D 88 8.77 44.79 -1.14
C LYS D 88 9.14 43.45 -0.51
N GLU D 89 10.43 43.28 -0.26
CA GLU D 89 10.90 42.05 0.35
C GLU D 89 11.82 42.37 1.52
N LEU D 90 11.82 41.47 2.50
CA LEU D 90 12.65 41.62 3.69
C LEU D 90 13.87 40.74 3.59
N THR D 91 14.87 41.06 4.39
CA THR D 91 16.10 40.31 4.50
C THR D 91 16.45 40.41 5.97
N ILE D 92 16.64 39.26 6.61
CA ILE D 92 16.96 39.24 8.02
C ILE D 92 18.22 38.45 8.34
N GLN D 93 19.12 39.09 9.08
CA GLN D 93 20.35 38.44 9.49
C GLN D 93 20.55 38.64 10.99
N PRO D 94 20.47 37.55 11.76
CA PRO D 94 20.61 37.53 13.22
C PRO D 94 21.98 37.98 13.75
N GLY D 95 22.02 38.26 15.04
CA GLY D 95 23.24 38.65 15.73
C GLY D 95 24.02 39.89 15.29
N CYS D 96 23.68 40.48 14.15
CA CYS D 96 24.41 41.65 13.67
C CYS D 96 24.06 42.89 14.51
N SER D 97 24.28 42.78 15.83
CA SER D 97 23.99 43.84 16.79
C SER D 97 24.62 45.20 16.50
N SER D 98 25.50 45.27 15.51
CA SER D 98 26.08 46.56 15.20
C SER D 98 27.57 46.65 14.92
N GLY D 99 27.89 47.50 13.96
CA GLY D 99 29.27 47.70 13.58
C GLY D 99 29.45 47.23 12.15
N GLN D 100 29.31 45.93 11.95
CA GLN D 100 29.45 45.35 10.62
C GLN D 100 30.04 43.97 10.71
N ALA D 101 30.67 43.54 9.62
CA ALA D 101 31.27 42.23 9.57
C ALA D 101 30.18 41.20 9.34
N ASN D 104 25.90 35.17 7.03
CA ASN D 104 24.91 34.37 7.74
C ASN D 104 23.63 35.15 8.00
N ALA D 105 22.61 34.81 7.23
CA ALA D 105 21.31 35.45 7.31
C ALA D 105 20.23 34.39 7.36
N LEU D 106 19.04 34.78 7.80
CA LEU D 106 17.91 33.86 7.86
C LEU D 106 17.18 33.92 6.52
N PRO D 107 17.00 32.75 5.87
CA PRO D 107 16.32 32.66 4.57
C PRO D 107 14.86 33.10 4.58
N VAL D 108 14.56 34.18 3.85
CA VAL D 108 13.20 34.69 3.72
C VAL D 108 12.83 34.44 2.27
N THR D 109 11.88 33.55 2.03
CA THR D 109 11.51 33.25 0.66
C THR D 109 10.11 33.68 0.26
N TYR D 110 9.97 34.06 -1.00
CA TYR D 110 8.71 34.51 -1.53
C TYR D 110 8.22 33.65 -2.70
N SER D 111 6.93 33.32 -2.70
CA SER D 111 6.36 32.53 -3.78
C SER D 111 5.91 33.49 -4.90
N ASN D 112 5.15 32.95 -5.85
CA ASN D 112 4.68 33.76 -6.96
C ASN D 112 3.68 34.85 -6.58
N VAL D 113 3.80 35.99 -7.25
CA VAL D 113 2.88 37.10 -7.03
C VAL D 113 1.63 36.74 -7.82
N GLU D 114 0.49 36.71 -7.16
CA GLU D 114 -0.76 36.38 -7.82
C GLU D 114 -1.87 37.32 -7.34
N PRO D 115 -3.00 37.39 -8.08
CA PRO D 115 -4.10 38.26 -7.66
C PRO D 115 -4.75 37.77 -6.37
N SER D 116 -5.06 38.71 -5.47
CA SER D 116 -5.68 38.34 -4.19
C SER D 116 -7.21 38.40 -4.28
N ASP D 117 -7.88 37.93 -3.23
CA ASP D 117 -9.33 37.96 -3.17
C ASP D 117 -9.84 39.35 -2.82
N PHE D 118 -8.95 40.33 -2.70
CA PHE D 118 -9.39 41.67 -2.29
C PHE D 118 -9.13 42.84 -3.24
N VAL D 119 -10.03 43.82 -3.16
CA VAL D 119 -9.94 45.02 -3.97
C VAL D 119 -10.02 46.21 -3.01
N GLN D 120 -9.17 47.20 -3.23
CA GLN D 120 -9.13 48.39 -2.39
C GLN D 120 -9.64 49.62 -3.14
N THR D 121 -10.58 50.33 -2.53
CA THR D 121 -11.12 51.52 -3.16
C THR D 121 -10.96 52.71 -2.24
N PHE D 122 -10.31 53.75 -2.75
CA PHE D 122 -10.05 54.95 -1.98
C PHE D 122 -11.21 55.92 -2.08
N SER D 123 -11.34 56.77 -1.06
CA SER D 123 -12.40 57.76 -1.00
C SER D 123 -11.87 58.99 -0.28
N ARG D 124 -12.65 60.06 -0.32
CA ARG D 124 -12.26 61.31 0.33
C ARG D 124 -12.48 61.24 1.84
N ARG D 125 -11.48 61.64 2.61
CA ARG D 125 -11.57 61.62 4.05
C ARG D 125 -11.88 63.01 4.58
N GLU D 129 -6.56 63.94 3.87
CA GLU D 129 -6.46 62.61 4.43
C GLU D 129 -7.37 61.64 3.72
N ALA D 130 -6.79 60.73 2.94
CA ALA D 130 -7.58 59.76 2.20
C ALA D 130 -7.83 58.48 2.98
N THR D 131 -9.07 57.98 2.89
CA THR D 131 -9.45 56.75 3.58
C THR D 131 -9.67 55.66 2.52
N SER D 132 -9.65 54.40 2.95
CA SER D 132 -9.82 53.29 2.02
C SER D 132 -10.76 52.20 2.47
N GLY D 133 -11.37 51.54 1.50
CA GLY D 133 -12.29 50.45 1.77
C GLY D 133 -11.80 49.20 1.07
N PHE D 134 -11.88 48.07 1.78
CA PHE D 134 -11.46 46.79 1.24
C PHE D 134 -12.66 45.91 0.96
N PHE D 135 -12.72 45.38 -0.25
CA PHE D 135 -13.82 44.52 -0.65
C PHE D 135 -13.30 43.17 -1.13
N GLU D 136 -13.97 42.10 -0.69
CA GLU D 136 -13.60 40.74 -1.09
C GLU D 136 -14.35 40.44 -2.39
N VAL D 137 -13.63 40.36 -3.50
CA VAL D 137 -14.23 40.12 -4.80
C VAL D 137 -13.66 38.87 -5.48
N PRO D 138 -14.54 37.97 -5.94
CA PRO D 138 -14.11 36.74 -6.62
C PRO D 138 -13.08 37.07 -7.67
N LYS D 139 -12.05 36.23 -7.78
CA LYS D 139 -10.99 36.44 -8.75
C LYS D 139 -11.47 36.33 -10.19
N ASN D 140 -12.51 35.51 -10.43
CA ASN D 140 -13.04 35.31 -11.76
C ASN D 140 -13.77 36.53 -12.31
N GLU D 141 -14.36 37.31 -11.41
CA GLU D 141 -15.09 38.51 -11.82
C GLU D 141 -14.33 39.77 -11.44
N THR D 142 -14.97 40.93 -11.61
CA THR D 142 -14.32 42.19 -11.30
C THR D 142 -15.25 43.20 -10.66
N LYS D 143 -14.69 44.01 -9.77
CA LYS D 143 -15.44 45.06 -9.09
C LYS D 143 -15.08 46.36 -9.77
N GLU D 144 -16.09 47.05 -10.28
CA GLU D 144 -15.84 48.33 -10.92
C GLU D 144 -15.44 49.28 -9.80
N ASN D 145 -14.32 49.97 -9.99
CA ASN D 145 -13.78 50.90 -9.01
C ASN D 145 -12.96 50.18 -7.96
N GLY D 146 -11.70 50.59 -7.84
CA GLY D 146 -10.82 49.98 -6.88
C GLY D 146 -9.70 49.23 -7.59
N ILE D 147 -8.63 48.95 -6.86
CA ILE D 147 -7.51 48.23 -7.44
C ILE D 147 -7.40 46.86 -6.77
N ARG D 148 -7.33 45.81 -7.57
CA ARG D 148 -7.19 44.44 -7.07
C ARG D 148 -5.81 44.30 -6.42
N LEU D 149 -5.77 43.90 -5.16
CA LEU D 149 -4.49 43.74 -4.47
C LEU D 149 -3.81 42.43 -4.81
N SER D 150 -2.48 42.45 -4.78
CA SER D 150 -1.68 41.26 -5.07
C SER D 150 -1.32 40.55 -3.78
N GLU D 151 -1.12 39.24 -3.87
CA GLU D 151 -0.73 38.45 -2.71
C GLU D 151 0.40 37.51 -3.11
N ARG D 152 1.08 36.98 -2.10
CA ARG D 152 2.18 36.05 -2.30
C ARG D 152 2.51 35.47 -0.92
N LYS D 153 3.33 34.42 -0.89
CA LYS D 153 3.71 33.80 0.36
C LYS D 153 5.09 34.24 0.78
N GLU D 154 5.23 34.62 2.04
CA GLU D 154 6.51 35.04 2.60
C GLU D 154 6.87 34.05 3.70
N THR D 155 8.03 33.41 3.58
CA THR D 155 8.45 32.44 4.59
C THR D 155 9.58 32.98 5.45
N LEU D 156 9.29 33.15 6.74
CA LEU D 156 10.27 33.65 7.69
C LEU D 156 10.92 32.48 8.42
N GLY D 157 11.71 31.71 7.68
CA GLY D 157 12.40 30.56 8.26
C GLY D 157 11.52 29.36 8.51
N ASP D 158 10.86 29.33 9.67
CA ASP D 158 9.99 28.23 10.05
C ASP D 158 8.50 28.53 9.88
N VAL D 159 8.17 29.79 9.63
CA VAL D 159 6.78 30.20 9.47
C VAL D 159 6.49 30.79 8.09
N THR D 160 5.35 30.40 7.53
CA THR D 160 4.92 30.89 6.21
C THR D 160 3.53 31.51 6.29
N HIS D 161 3.42 32.76 5.86
CA HIS D 161 2.15 33.46 5.88
C HIS D 161 2.06 34.29 4.60
N ARG D 162 0.88 34.82 4.32
CA ARG D 162 0.69 35.63 3.12
C ARG D 162 0.80 37.13 3.40
N ILE D 163 0.98 37.90 2.33
CA ILE D 163 1.04 39.36 2.42
C ILE D 163 0.30 39.88 1.20
N LEU D 164 -0.10 41.14 1.25
CA LEU D 164 -0.78 41.74 0.12
C LEU D 164 0.04 42.95 -0.28
N THR D 165 -0.02 43.33 -1.55
CA THR D 165 0.70 44.50 -2.02
C THR D 165 -0.19 45.32 -2.95
N VAL D 166 0.10 46.61 -3.04
CA VAL D 166 -0.64 47.51 -3.90
C VAL D 166 0.26 47.79 -5.09
N PRO D 167 -0.06 47.20 -6.26
CA PRO D 167 0.71 47.35 -7.49
C PRO D 167 1.24 48.76 -7.81
N ILE D 168 0.44 49.79 -7.54
CA ILE D 168 0.86 51.15 -7.86
C ILE D 168 1.50 51.93 -6.69
N ALA D 169 1.60 51.30 -5.52
CA ALA D 169 2.18 51.97 -4.37
C ALA D 169 3.58 51.50 -4.03
N GLN D 170 4.38 52.43 -3.52
CA GLN D 170 5.76 52.16 -3.11
C GLN D 170 6.07 53.04 -1.91
N ASP D 171 6.63 52.46 -0.84
CA ASP D 171 6.95 53.24 0.35
C ASP D 171 7.86 54.42 0.04
N GLN D 172 7.70 55.50 0.77
CA GLN D 172 8.56 56.66 0.61
C GLN D 172 9.49 56.53 1.81
N VAL D 173 10.66 55.94 1.58
CA VAL D 173 11.62 55.71 2.65
C VAL D 173 11.87 56.97 3.48
N GLY D 174 11.71 58.13 2.85
CA GLY D 174 11.91 59.38 3.56
C GLY D 174 10.94 59.52 4.72
N MET D 175 9.81 58.84 4.64
CA MET D 175 8.79 58.87 5.67
C MET D 175 9.14 57.86 6.76
N TYR D 176 10.06 56.96 6.46
CA TYR D 176 10.50 55.95 7.40
C TYR D 176 11.09 56.50 8.69
N TYR D 177 11.14 55.64 9.69
CA TYR D 177 11.76 55.99 10.94
C TYR D 177 13.20 55.60 10.65
N GLN D 178 14.10 56.57 10.75
CA GLN D 178 15.51 56.32 10.48
C GLN D 178 16.29 56.11 11.77
N GLN D 179 16.74 54.89 11.99
CA GLN D 179 17.51 54.58 13.18
C GLN D 179 18.87 55.26 13.11
N PRO D 180 19.27 55.96 14.17
CA PRO D 180 20.57 56.65 14.17
C PRO D 180 21.71 55.73 13.73
N GLY D 181 22.58 56.24 12.87
CA GLY D 181 23.71 55.47 12.40
C GLY D 181 23.45 54.56 11.21
N GLN D 182 22.19 54.20 10.99
CA GLN D 182 21.83 53.32 9.88
C GLN D 182 21.29 54.06 8.67
N GLN D 183 21.37 53.43 7.50
CA GLN D 183 20.85 54.04 6.30
C GLN D 183 19.36 53.78 6.25
N LEU D 184 18.61 54.62 5.54
CA LEU D 184 17.16 54.44 5.42
C LEU D 184 16.84 53.03 4.95
N ALA D 185 15.77 52.46 5.49
CA ALA D 185 15.31 51.10 5.14
C ALA D 185 16.07 49.95 5.80
N THR D 186 16.94 50.28 6.75
CA THR D 186 17.70 49.27 7.48
C THR D 186 17.63 49.52 8.99
N TRP D 187 17.47 48.47 9.78
CA TRP D 187 17.35 48.62 11.23
C TRP D 187 18.04 47.51 12.03
N ILE D 188 18.59 47.90 13.17
CA ILE D 188 19.22 46.96 14.08
C ILE D 188 18.30 46.96 15.29
N VAL D 189 17.62 45.85 15.54
CA VAL D 189 16.69 45.74 16.65
C VAL D 189 17.37 45.79 18.02
N PRO D 190 17.11 46.84 18.81
CA PRO D 190 17.74 46.93 20.13
C PRO D 190 17.43 45.71 20.99
N PRO D 191 18.18 45.52 22.08
CA PRO D 191 17.95 44.38 22.98
C PRO D 191 16.57 44.52 23.63
N GLY D 192 15.88 43.40 23.80
CA GLY D 192 14.56 43.45 24.42
C GLY D 192 13.49 44.22 23.65
N GLN D 193 13.76 44.52 22.38
CA GLN D 193 12.79 45.25 21.56
C GLN D 193 12.43 44.46 20.31
N TYR D 194 11.45 44.92 19.54
CA TYR D 194 11.04 44.20 18.33
C TYR D 194 10.68 45.05 17.10
N PHE D 195 10.81 44.43 15.93
CA PHE D 195 10.46 45.09 14.67
C PHE D 195 9.13 44.47 14.20
N MET D 196 8.10 45.29 14.10
CA MET D 196 6.78 44.82 13.69
C MET D 196 6.40 45.30 12.29
N MET D 197 5.64 44.46 11.59
CA MET D 197 5.17 44.79 10.25
C MET D 197 3.83 44.12 9.94
N GLY D 198 2.99 44.83 9.20
CA GLY D 198 1.68 44.29 8.84
C GLY D 198 1.68 43.53 7.53
N ASP D 199 0.86 42.49 7.42
CA ASP D 199 0.81 41.70 6.19
C ASP D 199 0.27 42.49 4.99
N ASN D 200 -0.53 43.52 5.25
CA ASN D 200 -1.03 44.35 4.17
C ASN D 200 0.06 45.41 4.07
N ARG D 201 1.23 44.94 3.64
CA ARG D 201 2.45 45.74 3.54
C ARG D 201 2.37 47.19 3.07
N ASP D 202 1.45 47.49 2.15
CA ASP D 202 1.35 48.87 1.68
C ASP D 202 0.27 49.64 2.45
N ASN D 203 -0.41 48.96 3.36
CA ASN D 203 -1.46 49.60 4.15
C ASN D 203 -1.21 49.33 5.63
N SER D 204 0.01 49.61 6.08
CA SER D 204 0.37 49.34 7.46
C SER D 204 1.38 50.30 8.06
N ALA D 205 0.97 51.03 9.09
CA ALA D 205 1.88 51.94 9.77
C ALA D 205 2.51 51.09 10.88
N ASP D 206 3.71 50.60 10.63
CA ASP D 206 4.41 49.76 11.60
C ASP D 206 5.82 50.24 11.92
N SER D 207 6.67 49.33 12.39
CA SER D 207 8.03 49.69 12.76
C SER D 207 8.77 50.52 11.71
N ARG D 208 8.46 50.30 10.43
CA ARG D 208 9.10 51.06 9.37
C ARG D 208 8.92 52.56 9.58
N TYR D 209 7.80 52.92 10.21
CA TYR D 209 7.48 54.32 10.44
C TYR D 209 7.64 54.83 11.87
N TRP D 210 7.33 54.00 12.88
CA TRP D 210 7.47 54.47 14.25
C TRP D 210 8.43 53.72 15.17
N GLY D 211 9.38 53.00 14.60
CA GLY D 211 10.35 52.31 15.41
C GLY D 211 9.99 50.97 16.02
N PHE D 212 10.84 50.54 16.94
CA PHE D 212 10.73 49.25 17.63
C PHE D 212 9.74 49.19 18.78
N VAL D 213 9.33 47.97 19.11
CA VAL D 213 8.38 47.73 20.19
C VAL D 213 9.03 46.99 21.37
N PRO D 214 9.14 47.66 22.52
CA PRO D 214 9.74 47.09 23.74
C PRO D 214 8.92 45.90 24.28
N GLU D 215 9.64 44.92 24.80
CA GLU D 215 9.04 43.72 25.38
C GLU D 215 7.86 44.09 26.29
N ALA D 216 8.08 45.12 27.10
CA ALA D 216 7.09 45.57 28.07
C ALA D 216 5.71 45.92 27.49
N ASN D 217 5.68 46.32 26.22
CA ASN D 217 4.43 46.69 25.58
C ASN D 217 3.70 45.50 24.97
N LEU D 218 4.35 44.34 24.98
CA LEU D 218 3.75 43.13 24.43
C LEU D 218 2.62 42.60 25.29
N VAL D 219 1.41 42.59 24.74
CA VAL D 219 0.24 42.09 25.48
C VAL D 219 0.14 40.57 25.33
N GLY D 220 0.19 40.09 24.11
CA GLY D 220 0.11 38.66 23.87
C GLY D 220 0.11 38.39 22.38
N ARG D 221 -0.32 37.20 21.97
CA ARG D 221 -0.35 36.89 20.55
C ARG D 221 -1.68 36.29 20.11
N ALA D 222 -2.12 36.69 18.92
CA ALA D 222 -3.37 36.18 18.35
C ALA D 222 -3.13 34.76 17.88
N THR D 223 -3.99 33.83 18.31
CA THR D 223 -3.84 32.44 17.93
C THR D 223 -5.01 31.92 17.10
N ALA D 224 -6.10 32.70 17.06
CA ALA D 224 -7.27 32.29 16.31
C ALA D 224 -8.34 33.36 16.16
N ILE D 225 -9.35 33.04 15.36
CA ILE D 225 -10.50 33.91 15.10
C ILE D 225 -11.71 33.13 15.63
N TRP D 226 -12.45 33.72 16.56
CA TRP D 226 -13.59 33.01 17.10
C TRP D 226 -14.91 33.51 16.51
N MET D 227 -14.83 34.62 15.79
CA MET D 227 -16.00 35.24 15.16
C MET D 227 -15.52 36.16 14.03
N SER D 228 -16.40 36.50 13.10
CA SER D 228 -16.05 37.39 12.01
C SER D 228 -17.29 37.91 11.27
N PHE D 229 -17.35 39.22 11.08
CA PHE D 229 -18.49 39.84 10.42
C PHE D 229 -18.05 40.92 9.43
N ASP D 230 -18.49 40.78 8.18
CA ASP D 230 -18.15 41.74 7.14
C ASP D 230 -19.21 42.83 7.07
N GLY D 239 -24.02 39.06 7.39
CA GLY D 239 -22.66 39.48 7.09
C GLY D 239 -21.62 38.72 7.90
N LEU D 240 -21.86 37.44 8.11
CA LEU D 240 -20.94 36.60 8.87
C LEU D 240 -19.95 35.91 7.95
N ARG D 241 -18.77 35.59 8.50
CA ARG D 241 -17.72 34.90 7.75
C ARG D 241 -17.34 33.70 8.61
N LEU D 242 -18.29 32.79 8.78
CA LEU D 242 -18.08 31.61 9.60
C LEU D 242 -16.96 30.71 9.09
N SER D 243 -16.52 30.94 7.85
CA SER D 243 -15.47 30.12 7.25
C SER D 243 -14.08 30.39 7.81
N ARG D 244 -13.81 31.63 8.19
CA ARG D 244 -12.49 31.95 8.70
C ARG D 244 -12.36 31.84 10.22
N ILE D 245 -13.31 31.15 10.84
CA ILE D 245 -13.26 30.94 12.29
C ILE D 245 -12.40 29.72 12.58
N GLY D 246 -11.24 29.96 13.18
CA GLY D 246 -10.31 28.90 13.49
C GLY D 246 -8.93 29.48 13.73
N GLY D 247 -7.90 28.64 13.65
CA GLY D 247 -6.54 29.10 13.88
C GLY D 247 -5.90 29.94 12.79
N ILE D 248 -4.89 30.72 13.19
CA ILE D 248 -4.16 31.58 12.26
C ILE D 248 -2.67 31.61 12.60
N HIS D 249 -1.86 32.13 11.68
CA HIS D 249 -0.41 32.25 11.87
C HIS D 249 0.17 33.32 10.95
#